data_4HAR
#
_entry.id   4HAR
#
_cell.length_a   147.760
_cell.length_b   74.786
_cell.length_c   96.075
_cell.angle_alpha   90.00
_cell.angle_beta   97.53
_cell.angle_gamma   90.00
#
_symmetry.space_group_name_H-M   'C 1 2 1'
#
loop_
_entity.id
_entity.type
_entity.pdbx_description
1 polymer 'Capsid protein'
2 non-polymer 'LAURYL DIMETHYLAMINE-N-OXIDE'
3 non-polymer 'CHLORIDE ION'
4 water water
#
_entity_poly.entity_id   1
_entity_poly.type   'polypeptide(L)'
_entity_poly.pdbx_seq_one_letter_code
;NPFQAAVARGLRPPLHDPDTEAPTEACVTSWLWSEGEGAVFYRVDLHFTNLGTPPLDEDGRWDPALMYNPCGPEPPAHVV
RAYNQPAGDVRGVWGKGERTYAEQDFRVGGTRWHRLLRMPVRGLDGDSAPLPPHTTERIETRSARHPWRIR
;
_entity_poly.pdbx_strand_id   A,B,C,D,E,F
#
loop_
_chem_comp.id
_chem_comp.type
_chem_comp.name
_chem_comp.formula
CL non-polymer 'CHLORIDE ION' 'Cl -1'
LDA non-polymer 'LAURYL DIMETHYLAMINE-N-OXIDE' 'C14 H31 N O'
#
# COMPACT_ATOMS: atom_id res chain seq x y z
N GLU A 25 -5.67 24.74 30.76
CA GLU A 25 -4.79 25.70 30.10
C GLU A 25 -4.84 25.64 28.56
N ALA A 26 -4.79 24.44 27.99
CA ALA A 26 -4.93 24.26 26.53
C ALA A 26 -5.62 22.96 26.12
N CYS A 27 -6.82 23.07 25.56
CA CYS A 27 -7.70 21.92 25.39
C CYS A 27 -8.64 22.05 24.17
N VAL A 28 -8.77 20.99 23.36
CA VAL A 28 -9.81 20.98 22.29
C VAL A 28 -10.74 19.78 22.43
N THR A 29 -11.92 19.84 21.83
CA THR A 29 -12.83 18.71 21.97
C THR A 29 -13.14 18.02 20.62
N SER A 30 -13.26 16.69 20.66
CA SER A 30 -13.66 15.92 19.49
C SER A 30 -14.75 14.96 19.89
N TRP A 31 -15.45 14.41 18.90
CA TRP A 31 -16.51 13.45 19.19
C TRP A 31 -16.36 12.19 18.33
N LEU A 32 -16.76 11.05 18.87
CA LEU A 32 -16.56 9.78 18.19
C LEU A 32 -17.80 8.93 18.35
N TRP A 33 -18.27 8.26 17.29
CA TRP A 33 -19.43 7.39 17.45
C TRP A 33 -19.52 6.24 16.44
N SER A 34 -20.27 5.19 16.81
CA SER A 34 -20.46 3.98 16.00
C SER A 34 -21.76 4.06 15.22
N GLU A 35 -21.88 3.19 14.23
CA GLU A 35 -23.17 2.93 13.58
C GLU A 35 -23.60 1.48 13.88
N GLY A 36 -24.91 1.24 13.88
CA GLY A 36 -25.44 -0.11 14.04
C GLY A 36 -25.71 -0.56 15.46
N GLU A 37 -25.45 -1.84 15.72
CA GLU A 37 -25.82 -2.48 16.98
C GLU A 37 -24.75 -2.37 18.06
N GLY A 38 -25.14 -1.88 19.22
CA GLY A 38 -24.19 -1.61 20.28
C GLY A 38 -23.40 -0.37 19.88
N ALA A 39 -24.09 0.54 19.21
CA ALA A 39 -23.50 1.80 18.75
C ALA A 39 -23.07 2.64 19.94
N VAL A 40 -21.81 3.05 19.96
CA VAL A 40 -21.32 3.86 21.07
C VAL A 40 -21.12 5.33 20.71
N PHE A 41 -20.97 6.16 21.75
CA PHE A 41 -20.85 7.59 21.57
C PHE A 41 -19.90 8.11 22.66
N TYR A 42 -18.79 8.69 22.24
CA TYR A 42 -17.75 9.22 23.16
C TYR A 42 -17.45 10.69 22.88
N ARG A 43 -17.29 11.45 23.96
CA ARG A 43 -16.59 12.74 23.91
C ARG A 43 -15.12 12.42 24.17
N VAL A 44 -14.24 12.99 23.36
CA VAL A 44 -12.84 12.97 23.72
C VAL A 44 -12.29 14.38 23.90
N ASP A 45 -11.78 14.66 25.10
CA ASP A 45 -11.11 15.92 25.39
C ASP A 45 -9.60 15.81 25.21
N LEU A 46 -9.04 16.64 24.35
CA LEU A 46 -7.62 16.58 24.05
C LEU A 46 -6.88 17.69 24.79
N HIS A 47 -6.11 17.31 25.81
CA HIS A 47 -5.31 18.27 26.60
C HIS A 47 -3.87 18.38 26.09
N PHE A 48 -3.46 19.59 25.67
CA PHE A 48 -2.13 19.80 25.09
C PHE A 48 -1.18 20.39 26.11
N THR A 49 0.03 19.84 26.19
CA THR A 49 1.08 20.38 27.04
C THR A 49 2.30 20.68 26.22
N ASN A 50 2.87 21.88 26.38
CA ASN A 50 4.06 22.27 25.63
C ASN A 50 5.33 21.78 26.34
N LEU A 51 6.14 20.99 25.63
CA LEU A 51 7.28 20.32 26.24
C LEU A 51 8.60 21.08 26.17
N GLY A 52 8.52 22.35 25.76
CA GLY A 52 9.70 23.18 25.59
C GLY A 52 10.46 23.48 26.87
N THR A 53 9.75 23.49 27.99
CA THR A 53 10.37 23.75 29.29
C THR A 53 9.90 22.68 30.27
N PRO A 54 10.80 21.75 30.62
CA PRO A 54 10.43 20.64 31.50
C PRO A 54 10.31 21.08 32.95
N PRO A 55 9.48 20.37 33.72
CA PRO A 55 9.32 20.70 35.13
C PRO A 55 10.51 20.23 35.94
N LEU A 56 10.56 20.65 37.19
CA LEU A 56 11.70 20.37 38.04
C LEU A 56 11.36 19.27 39.04
N ASP A 57 12.32 18.39 39.31
CA ASP A 57 12.16 17.45 40.44
C ASP A 57 12.66 18.06 41.74
N GLU A 58 12.59 17.30 42.83
CA GLU A 58 12.84 17.82 44.17
C GLU A 58 14.33 18.18 44.39
N ASP A 59 15.19 17.74 43.48
CA ASP A 59 16.62 18.00 43.57
C ASP A 59 17.06 19.01 42.51
N GLY A 60 16.10 19.57 41.77
CA GLY A 60 16.42 20.59 40.81
C GLY A 60 16.76 20.11 39.42
N ARG A 61 16.67 18.80 39.19
CA ARG A 61 16.92 18.31 37.86
C ARG A 61 15.67 18.52 37.01
N TRP A 62 15.86 18.48 35.71
CA TRP A 62 14.76 18.41 34.77
C TRP A 62 14.14 17.01 34.79
N ASP A 63 12.81 16.93 34.91
CA ASP A 63 12.07 15.68 34.89
C ASP A 63 11.53 15.46 33.50
N PRO A 64 11.96 14.38 32.82
CA PRO A 64 11.56 14.07 31.44
C PRO A 64 10.28 13.23 31.27
N ALA A 65 9.58 12.86 32.34
CA ALA A 65 8.36 12.05 32.27
C ALA A 65 7.36 12.45 31.16
N LEU A 66 7.04 13.73 31.05
CA LEU A 66 6.01 14.17 30.09
C LEU A 66 6.35 13.81 28.64
N MET A 67 7.62 13.48 28.36
CA MET A 67 8.00 13.18 26.98
C MET A 67 7.88 11.71 26.59
N TYR A 68 7.54 10.83 27.53
CA TYR A 68 7.60 9.41 27.23
C TYR A 68 6.65 8.57 28.06
N ASN A 69 6.17 9.11 29.17
CA ASN A 69 5.33 8.36 30.09
C ASN A 69 3.83 8.50 29.76
N PRO A 70 3.21 7.44 29.24
CA PRO A 70 1.82 7.61 28.80
C PRO A 70 0.84 7.63 29.98
N CYS A 71 -0.28 8.32 29.80
CA CYS A 71 -1.31 8.37 30.83
C CYS A 71 -2.17 7.12 30.74
N GLY A 72 -2.93 6.86 31.79
CA GLY A 72 -3.80 5.70 31.83
C GLY A 72 -4.77 5.78 32.99
N PRO A 73 -5.61 4.75 33.14
CA PRO A 73 -5.71 3.58 32.27
C PRO A 73 -6.40 3.89 30.95
N GLU A 74 -6.12 3.10 29.92
CA GLU A 74 -6.63 3.35 28.58
C GLU A 74 -8.10 2.93 28.37
N PRO A 75 -8.80 3.59 27.44
CA PRO A 75 -10.13 3.13 27.05
C PRO A 75 -10.01 1.83 26.27
N PRO A 76 -11.13 1.15 25.98
CA PRO A 76 -11.10 -0.05 25.15
C PRO A 76 -10.25 0.11 23.89
N ALA A 77 -9.56 -0.97 23.53
CA ALA A 77 -8.61 -0.97 22.43
C ALA A 77 -9.25 -0.63 21.10
N HIS A 78 -10.50 -1.05 20.92
CA HIS A 78 -11.19 -0.80 19.65
C HIS A 78 -11.62 0.68 19.56
N VAL A 79 -11.87 1.29 20.72
CA VAL A 79 -12.22 2.71 20.78
C VAL A 79 -11.01 3.58 20.44
N VAL A 80 -9.86 3.30 21.09
CA VAL A 80 -8.59 3.92 20.76
C VAL A 80 -8.18 3.75 19.28
N ARG A 81 -8.23 2.51 18.80
CA ARG A 81 -7.95 2.23 17.39
C ARG A 81 -8.82 3.07 16.47
N ALA A 82 -10.11 3.16 16.80
CA ALA A 82 -11.05 3.91 15.96
C ALA A 82 -10.79 5.40 15.98
N TYR A 83 -10.61 5.98 17.17
CA TYR A 83 -10.36 7.42 17.26
C TYR A 83 -9.04 7.79 16.58
N ASN A 84 -8.01 6.96 16.75
CA ASN A 84 -6.65 7.25 16.24
C ASN A 84 -6.40 6.88 14.80
N GLN A 85 -7.23 5.99 14.28
CA GLN A 85 -7.16 5.48 12.92
C GLN A 85 -6.81 6.55 11.90
N PRO A 86 -5.62 6.47 11.28
CA PRO A 86 -5.32 7.44 10.22
C PRO A 86 -6.26 7.31 9.02
N ALA A 87 -6.55 8.45 8.41
CA ALA A 87 -7.57 8.53 7.40
C ALA A 87 -7.52 9.92 6.80
N GLY A 88 -7.38 9.99 5.49
CA GLY A 88 -7.27 11.26 4.79
C GLY A 88 -8.58 11.75 4.19
N ASP A 89 -9.59 10.89 4.15
CA ASP A 89 -10.91 11.19 3.57
C ASP A 89 -11.80 11.96 4.53
N VAL A 90 -12.32 13.09 4.07
CA VAL A 90 -13.28 13.88 4.82
C VAL A 90 -14.65 13.90 4.12
N ARG A 91 -15.69 13.41 4.79
CA ARG A 91 -16.99 13.41 4.14
C ARG A 91 -17.51 14.84 3.96
N GLY A 92 -17.23 15.72 4.93
CA GLY A 92 -17.52 17.14 4.80
C GLY A 92 -17.16 18.00 6.02
N VAL A 93 -17.17 19.33 5.86
CA VAL A 93 -16.98 20.19 7.05
C VAL A 93 -18.27 20.89 7.51
N TRP A 94 -18.41 20.98 8.83
CA TRP A 94 -19.57 21.56 9.48
C TRP A 94 -19.16 22.89 10.07
N GLY A 95 -20.02 23.89 9.97
CA GLY A 95 -19.68 25.22 10.43
C GLY A 95 -20.78 25.94 11.18
N LYS A 96 -20.38 26.60 12.26
CA LYS A 96 -21.28 27.55 12.91
C LYS A 96 -20.44 28.66 13.52
N GLY A 97 -20.78 29.89 13.16
CA GLY A 97 -19.98 31.04 13.53
C GLY A 97 -18.60 30.84 12.97
N GLU A 98 -17.60 31.05 13.82
CA GLU A 98 -16.22 30.85 13.40
C GLU A 98 -15.64 29.51 13.86
N ARG A 99 -16.52 28.56 14.16
CA ARG A 99 -16.11 27.20 14.49
C ARG A 99 -16.36 26.23 13.34
N THR A 100 -15.29 25.59 12.88
CA THR A 100 -15.37 24.60 11.81
C THR A 100 -14.90 23.23 12.33
N TYR A 101 -15.68 22.19 12.07
CA TYR A 101 -15.30 20.81 12.39
C TYR A 101 -15.33 19.96 11.13
N ALA A 102 -14.48 18.94 11.06
CA ALA A 102 -14.52 18.01 9.95
C ALA A 102 -15.11 16.69 10.43
N GLU A 103 -15.92 16.10 9.57
CA GLU A 103 -16.49 14.82 9.89
C GLU A 103 -15.90 13.77 8.97
N GLN A 104 -15.37 12.71 9.59
CA GLN A 104 -14.79 11.60 8.87
C GLN A 104 -15.49 10.31 9.24
N ASP A 105 -15.61 9.40 8.28
CA ASP A 105 -16.19 8.08 8.57
C ASP A 105 -15.41 7.00 7.86
N PHE A 106 -15.29 5.84 8.51
CA PHE A 106 -14.46 4.75 7.99
C PHE A 106 -14.79 3.43 8.67
N ARG A 107 -14.32 2.33 8.11
CA ARG A 107 -14.57 1.03 8.73
C ARG A 107 -13.35 0.51 9.45
N VAL A 108 -13.57 0.07 10.69
CA VAL A 108 -12.57 -0.61 11.48
C VAL A 108 -13.16 -1.92 11.98
N GLY A 109 -12.48 -3.02 11.68
CA GLY A 109 -13.05 -4.33 11.90
C GLY A 109 -14.30 -4.42 11.04
N GLY A 110 -15.42 -4.76 11.66
CA GLY A 110 -16.68 -4.79 10.94
C GLY A 110 -17.61 -3.67 11.38
N THR A 111 -17.03 -2.59 11.91
CA THR A 111 -17.83 -1.47 12.43
C THR A 111 -17.55 -0.17 11.68
N ARG A 112 -18.59 0.59 11.38
CA ARG A 112 -18.41 1.92 10.80
C ARG A 112 -18.38 3.02 11.88
N TRP A 113 -17.33 3.83 11.86
CA TRP A 113 -17.12 4.87 12.85
C TRP A 113 -17.16 6.24 12.20
N HIS A 114 -17.68 7.20 12.95
CA HIS A 114 -17.57 8.60 12.62
C HIS A 114 -16.73 9.31 13.69
N ARG A 115 -16.00 10.33 13.24
CA ARG A 115 -15.36 11.25 14.15
C ARG A 115 -15.46 12.71 13.68
N LEU A 116 -15.61 13.57 14.68
CA LEU A 116 -15.76 14.99 14.47
C LEU A 116 -14.58 15.67 15.13
N LEU A 117 -13.80 16.39 14.31
CA LEU A 117 -12.56 17.02 14.77
C LEU A 117 -12.56 18.51 14.51
N ARG A 118 -12.12 19.28 15.48
CA ARG A 118 -11.96 20.72 15.28
C ARG A 118 -10.95 20.96 14.14
N MET A 119 -11.25 21.88 13.22
CA MET A 119 -10.40 22.06 12.05
C MET A 119 -10.34 23.52 11.63
N PRO A 120 -9.41 24.31 12.23
CA PRO A 120 -9.19 25.66 11.69
C PRO A 120 -8.16 25.61 10.58
N VAL A 121 -8.33 26.34 9.49
CA VAL A 121 -9.53 27.11 9.20
C VAL A 121 -10.26 26.40 8.05
N ARG A 122 -10.00 25.10 7.90
CA ARG A 122 -10.53 24.26 6.81
C ARG A 122 -9.85 24.52 5.45
N GLU B 25 -10.66 7.76 35.05
CA GLU B 25 -10.30 8.20 33.70
C GLU B 25 -10.37 7.06 32.69
N ALA B 26 -10.60 7.42 31.42
CA ALA B 26 -10.15 6.59 30.31
C ALA B 26 -9.24 7.50 29.49
N CYS B 27 -7.98 7.13 29.33
CA CYS B 27 -7.01 8.09 28.83
C CYS B 27 -5.94 7.47 27.91
N VAL B 28 -5.63 8.10 26.77
CA VAL B 28 -4.43 7.68 26.00
C VAL B 28 -3.58 8.89 25.64
N THR B 29 -2.30 8.67 25.39
CA THR B 29 -1.37 9.77 25.12
C THR B 29 -0.80 9.71 23.70
N SER B 30 -0.64 10.88 23.08
CA SER B 30 -0.05 10.99 21.76
C SER B 30 1.07 12.01 21.83
N TRP B 31 1.97 11.99 20.84
CA TRP B 31 2.98 13.06 20.79
C TRP B 31 3.00 13.76 19.45
N LEU B 32 3.47 15.01 19.42
CA LEU B 32 3.41 15.76 18.19
C LEU B 32 4.55 16.75 18.13
N TRP B 33 5.24 16.86 17.00
CA TRP B 33 6.37 17.81 16.91
C TRP B 33 6.63 18.42 15.50
N SER B 34 7.20 19.62 15.45
CA SER B 34 7.57 20.28 14.18
C SER B 34 9.00 20.01 13.84
N GLU B 35 9.33 20.14 12.55
CA GLU B 35 10.70 20.20 12.09
C GLU B 35 11.07 21.65 11.77
N GLY B 36 12.36 21.92 11.74
CA GLY B 36 12.85 23.21 11.28
C GLY B 36 12.98 24.28 12.34
N GLU B 37 12.87 25.53 11.89
CA GLU B 37 13.05 26.68 12.75
C GLU B 37 11.79 26.94 13.56
N GLY B 38 11.97 27.14 14.86
CA GLY B 38 10.85 27.33 15.75
C GLY B 38 10.06 26.04 15.90
N ALA B 39 10.78 24.91 15.90
CA ALA B 39 10.14 23.62 16.07
C ALA B 39 9.51 23.54 17.46
N VAL B 40 8.32 22.95 17.53
CA VAL B 40 7.63 22.78 18.79
C VAL B 40 7.45 21.29 19.10
N PHE B 41 7.21 20.98 20.36
CA PHE B 41 7.06 19.60 20.80
C PHE B 41 5.96 19.61 21.84
N TYR B 42 4.92 18.81 21.57
CA TYR B 42 3.71 18.75 22.39
C TYR B 42 3.39 17.32 22.82
N ARG B 43 3.00 17.18 24.08
CA ARG B 43 2.29 15.98 24.55
C ARG B 43 0.79 16.25 24.44
N VAL B 44 0.02 15.30 23.93
CA VAL B 44 -1.42 15.47 24.01
C VAL B 44 -2.11 14.30 24.67
N ASP B 45 -2.82 14.60 25.76
CA ASP B 45 -3.55 13.63 26.58
C ASP B 45 -5.02 13.60 26.18
N LEU B 46 -5.43 12.48 25.59
CA LEU B 46 -6.81 12.28 25.14
C LEU B 46 -7.65 11.60 26.22
N HIS B 47 -8.48 12.39 26.91
CA HIS B 47 -9.44 11.84 27.90
C HIS B 47 -10.77 11.50 27.24
N PHE B 48 -11.15 10.23 27.33
CA PHE B 48 -12.40 9.76 26.75
C PHE B 48 -13.49 9.71 27.81
N THR B 49 -14.68 10.13 27.42
CA THR B 49 -15.88 10.07 28.27
C THR B 49 -17.00 9.38 27.51
N ASN B 50 -17.54 8.32 28.08
CA ASN B 50 -18.68 7.64 27.48
C ASN B 50 -19.99 8.43 27.69
N LEU B 51 -20.70 8.67 26.61
CA LEU B 51 -21.89 9.50 26.66
C LEU B 51 -23.20 8.72 26.77
N GLY B 52 -23.10 7.42 26.96
CA GLY B 52 -24.27 6.53 27.00
C GLY B 52 -25.22 6.79 28.15
N THR B 53 -24.70 7.31 29.26
CA THR B 53 -25.53 7.73 30.39
C THR B 53 -25.14 9.16 30.76
N PRO B 54 -26.08 10.10 30.60
CA PRO B 54 -25.69 11.49 30.85
C PRO B 54 -25.80 11.86 32.32
N PRO B 55 -25.14 12.94 32.72
CA PRO B 55 -25.25 13.45 34.09
C PRO B 55 -26.60 14.11 34.35
N LEU B 56 -26.89 14.36 35.62
CA LEU B 56 -28.14 15.00 36.02
C LEU B 56 -27.85 16.46 36.35
N ASP B 57 -28.84 17.34 36.17
CA ASP B 57 -28.73 18.71 36.67
C ASP B 57 -29.45 18.83 38.00
N GLU B 58 -29.42 20.00 38.62
CA GLU B 58 -30.09 20.24 39.91
C GLU B 58 -31.59 19.87 39.96
N ASP B 59 -32.26 19.85 38.81
CA ASP B 59 -33.67 19.47 38.73
C ASP B 59 -33.89 17.99 38.39
N GLY B 60 -32.81 17.21 38.33
CA GLY B 60 -32.93 15.79 38.06
C GLY B 60 -33.16 15.43 36.60
N ARG B 61 -32.96 16.40 35.71
CA ARG B 61 -33.07 16.17 34.27
C ARG B 61 -31.72 15.76 33.72
N TRP B 62 -31.74 15.00 32.63
CA TRP B 62 -30.48 14.70 31.92
C TRP B 62 -29.87 15.96 31.33
N ASP B 63 -28.58 16.17 31.58
CA ASP B 63 -27.85 17.33 31.06
C ASP B 63 -27.06 16.99 29.80
N PRO B 64 -27.41 17.63 28.68
CA PRO B 64 -26.77 17.27 27.40
C PRO B 64 -25.44 17.99 27.12
N ALA B 65 -25.02 18.89 28.03
CA ALA B 65 -23.74 19.62 27.88
C ALA B 65 -22.55 18.88 27.24
N LEU B 66 -22.24 17.69 27.75
CA LEU B 66 -21.07 16.92 27.31
C LEU B 66 -21.15 16.50 25.84
N MET B 67 -22.34 16.54 25.25
CA MET B 67 -22.55 16.14 23.86
C MET B 67 -22.33 17.25 22.83
N TYR B 68 -22.10 18.49 23.27
CA TYR B 68 -22.02 19.60 22.31
C TYR B 68 -21.17 20.78 22.76
N ASN B 69 -20.99 20.93 24.07
CA ASN B 69 -20.27 22.08 24.61
C ASN B 69 -18.77 21.83 24.70
N PRO B 70 -17.96 22.44 23.81
CA PRO B 70 -16.52 22.14 23.71
C PRO B 70 -15.70 22.72 24.87
N CYS B 71 -14.56 22.11 25.17
CA CYS B 71 -13.70 22.66 26.21
C CYS B 71 -12.84 23.80 25.67
N GLY B 72 -12.19 24.51 26.58
CA GLY B 72 -11.30 25.59 26.21
C GLY B 72 -10.56 26.13 27.43
N PRO B 73 -9.66 27.12 27.20
CA PRO B 73 -9.29 27.70 25.91
C PRO B 73 -8.48 26.73 25.02
N GLU B 74 -8.66 26.84 23.72
CA GLU B 74 -7.94 25.98 22.78
C GLU B 74 -6.48 26.42 22.63
N PRO B 75 -5.59 25.47 22.30
CA PRO B 75 -4.20 25.80 21.96
C PRO B 75 -4.14 26.59 20.65
N PRO B 76 -2.95 27.03 20.21
CA PRO B 76 -2.90 27.77 18.94
C PRO B 76 -3.50 26.98 17.77
N ALA B 77 -4.16 27.69 16.86
CA ALA B 77 -4.86 27.04 15.74
C ALA B 77 -3.97 26.14 14.87
N HIS B 78 -2.74 26.57 14.58
CA HIS B 78 -1.88 25.75 13.73
C HIS B 78 -1.48 24.42 14.42
N VAL B 79 -1.45 24.44 15.75
CA VAL B 79 -1.19 23.21 16.51
C VAL B 79 -2.39 22.26 16.48
N VAL B 80 -3.60 22.79 16.67
CA VAL B 80 -4.82 21.98 16.55
C VAL B 80 -5.01 21.43 15.13
N ARG B 81 -4.74 22.25 14.12
CA ARG B 81 -4.91 21.81 12.74
C ARG B 81 -3.87 20.74 12.44
N ALA B 82 -2.65 20.94 12.95
CA ALA B 82 -1.60 19.94 12.76
C ALA B 82 -1.95 18.60 13.41
N TYR B 83 -2.41 18.64 14.67
CA TYR B 83 -2.73 17.40 15.36
C TYR B 83 -3.91 16.66 14.72
N ASN B 84 -4.94 17.41 14.32
CA ASN B 84 -6.17 16.79 13.79
C ASN B 84 -6.13 16.54 12.28
N GLN B 85 -5.12 17.07 11.61
CA GLN B 85 -5.00 16.97 10.15
C GLN B 85 -5.24 15.55 9.58
N PRO B 86 -6.13 15.42 8.59
CA PRO B 86 -6.28 14.06 8.07
C PRO B 86 -5.11 13.65 7.19
N ALA B 87 -4.60 12.44 7.44
CA ALA B 87 -3.45 11.92 6.76
C ALA B 87 -3.54 10.41 6.85
N GLY B 88 -3.58 9.75 5.70
CA GLY B 88 -3.78 8.31 5.66
C GLY B 88 -2.50 7.50 5.73
N ASP B 89 -1.36 8.15 5.49
CA ASP B 89 -0.09 7.45 5.38
C ASP B 89 0.68 7.31 6.69
N VAL B 90 1.20 6.11 6.91
CA VAL B 90 1.99 5.79 8.09
C VAL B 90 3.44 5.47 7.68
N ARG B 91 4.40 6.25 8.18
CA ARG B 91 5.78 6.00 7.81
C ARG B 91 6.30 4.71 8.44
N GLY B 92 5.80 4.38 9.63
CA GLY B 92 6.07 3.10 10.27
C GLY B 92 5.50 2.94 11.67
N VAL B 93 5.55 1.72 12.20
CA VAL B 93 5.11 1.53 13.56
C VAL B 93 6.26 1.14 14.49
N TRP B 94 6.24 1.72 15.68
CA TRP B 94 7.20 1.48 16.72
C TRP B 94 6.56 0.55 17.73
N GLY B 95 7.37 -0.22 18.42
CA GLY B 95 6.86 -1.12 19.41
C GLY B 95 7.84 -1.43 20.51
N LYS B 96 7.32 -1.51 21.74
CA LYS B 96 8.09 -2.05 22.86
C LYS B 96 7.13 -2.78 23.76
N GLY B 97 7.48 -4.01 24.12
CA GLY B 97 6.55 -4.88 24.82
C GLY B 97 5.30 -5.00 23.98
N GLU B 98 4.14 -4.89 24.62
CA GLU B 98 2.88 -4.92 23.90
C GLU B 98 2.31 -3.53 23.64
N ARG B 99 3.16 -2.52 23.62
CA ARG B 99 2.73 -1.18 23.22
C ARG B 99 3.21 -0.86 21.81
N THR B 100 2.27 -0.50 20.94
CA THR B 100 2.57 -0.15 19.56
C THR B 100 2.11 1.28 19.29
N TYR B 101 2.98 2.09 18.71
CA TYR B 101 2.55 3.42 18.23
C TYR B 101 2.84 3.53 16.74
N ALA B 102 2.06 4.33 16.03
CA ALA B 102 2.34 4.62 14.63
C ALA B 102 2.87 6.05 14.51
N GLU B 103 3.86 6.22 13.64
CA GLU B 103 4.41 7.54 13.39
C GLU B 103 3.93 8.00 12.02
N GLN B 104 3.41 9.22 11.96
CA GLN B 104 3.03 9.85 10.72
C GLN B 104 3.84 11.13 10.55
N ASP B 105 4.20 11.45 9.31
CA ASP B 105 4.73 12.79 9.07
C ASP B 105 4.09 13.37 7.84
N PHE B 106 3.94 14.70 7.83
CA PHE B 106 3.19 15.37 6.77
C PHE B 106 3.43 16.88 6.78
N ARG B 107 3.04 17.58 5.72
CA ARG B 107 3.16 19.02 5.70
C ARG B 107 1.82 19.70 5.95
N VAL B 108 1.84 20.75 6.77
CA VAL B 108 0.72 21.67 6.83
C VAL B 108 1.29 23.07 6.66
N GLY B 109 0.76 23.79 5.68
CA GLY B 109 1.38 25.02 5.23
C GLY B 109 2.80 24.68 4.81
N GLY B 110 3.75 25.46 5.29
CA GLY B 110 5.14 25.21 4.98
C GLY B 110 5.88 24.54 6.13
N THR B 111 5.13 23.92 7.04
CA THR B 111 5.76 23.26 8.18
C THR B 111 5.63 21.75 8.09
N ARG B 112 6.72 21.04 8.39
CA ARG B 112 6.65 19.59 8.47
C ARG B 112 6.36 19.13 9.91
N TRP B 113 5.38 18.23 10.05
CA TRP B 113 4.89 17.77 11.35
C TRP B 113 5.01 16.25 11.47
N HIS B 114 5.23 15.79 12.68
CA HIS B 114 5.21 14.37 12.96
C HIS B 114 4.25 14.17 14.12
N ARG B 115 3.45 13.13 14.07
CA ARG B 115 2.70 12.78 15.26
C ARG B 115 2.81 11.31 15.50
N LEU B 116 2.76 10.93 16.77
CA LEU B 116 2.92 9.56 17.22
C LEU B 116 1.67 9.15 17.98
N LEU B 117 1.02 8.09 17.48
CA LEU B 117 -0.32 7.68 17.91
C LEU B 117 -0.42 6.26 18.43
N ARG B 118 -1.03 6.10 19.59
CA ARG B 118 -1.26 4.77 20.15
C ARG B 118 -2.10 3.97 19.16
N MET B 119 -1.70 2.75 18.85
CA MET B 119 -2.37 1.97 17.80
C MET B 119 -2.47 0.49 18.13
N PRO B 120 -3.31 0.11 19.11
CA PRO B 120 -3.35 -1.27 19.61
C PRO B 120 -3.76 -2.30 18.56
N VAL B 121 -4.05 -1.85 17.34
CA VAL B 121 -4.33 -2.72 16.21
C VAL B 121 -3.35 -3.91 16.11
N GLU C 25 8.43 18.51 -4.19
CA GLU C 25 7.26 19.33 -4.47
C GLU C 25 5.97 18.52 -4.58
N ALA C 26 5.17 18.80 -5.60
CA ALA C 26 3.96 18.02 -5.89
C ALA C 26 4.23 16.89 -6.90
N CYS C 27 3.85 15.66 -6.53
CA CYS C 27 4.11 14.51 -7.38
C CYS C 27 3.08 13.37 -7.20
N VAL C 28 2.61 12.79 -8.32
CA VAL C 28 1.79 11.57 -8.27
C VAL C 28 2.26 10.48 -9.26
N THR C 29 2.09 9.21 -8.88
CA THR C 29 2.58 8.11 -9.71
C THR C 29 1.49 7.32 -10.44
N SER C 30 1.79 6.91 -11.67
CA SER C 30 0.87 6.09 -12.47
C SER C 30 1.66 4.90 -12.96
N TRP C 31 0.97 3.86 -13.43
CA TRP C 31 1.72 2.78 -14.08
C TRP C 31 1.19 2.50 -15.45
N LEU C 32 2.03 1.95 -16.32
CA LEU C 32 1.60 1.65 -17.69
C LEU C 32 2.22 0.35 -18.21
N TRP C 33 1.47 -0.52 -18.89
CA TRP C 33 2.09 -1.72 -19.50
C TRP C 33 1.33 -2.34 -20.69
N SER C 34 2.07 -2.95 -21.63
CA SER C 34 1.48 -3.68 -22.76
C SER C 34 1.16 -5.12 -22.38
N GLU C 35 0.30 -5.74 -23.18
CA GLU C 35 0.14 -7.19 -23.20
C GLU C 35 0.81 -7.71 -24.47
N GLY C 36 1.15 -9.00 -24.47
CA GLY C 36 1.65 -9.66 -25.66
C GLY C 36 3.15 -9.73 -25.84
N GLU C 37 3.59 -9.77 -27.09
CA GLU C 37 4.99 -9.96 -27.41
C GLU C 37 5.75 -8.65 -27.38
N GLY C 38 6.86 -8.61 -26.65
CA GLY C 38 7.63 -7.40 -26.51
C GLY C 38 6.94 -6.46 -25.56
N ALA C 39 6.20 -7.06 -24.63
CA ALA C 39 5.48 -6.35 -23.58
C ALA C 39 6.43 -5.46 -22.80
N VAL C 40 6.00 -4.23 -22.51
CA VAL C 40 6.83 -3.32 -21.72
C VAL C 40 6.08 -2.84 -20.48
N PHE C 41 6.79 -2.16 -19.58
CA PHE C 41 6.23 -1.80 -18.28
C PHE C 41 6.92 -0.52 -17.82
N TYR C 42 6.18 0.58 -17.74
CA TYR C 42 6.73 1.85 -17.27
C TYR C 42 6.10 2.33 -15.97
N ARG C 43 6.91 2.97 -15.15
CA ARG C 43 6.39 3.79 -14.07
C ARG C 43 6.37 5.21 -14.64
N VAL C 44 5.28 5.93 -14.44
CA VAL C 44 5.32 7.33 -14.82
C VAL C 44 5.07 8.29 -13.65
N ASP C 45 6.09 9.07 -13.33
CA ASP C 45 6.05 10.06 -12.26
C ASP C 45 5.60 11.43 -12.78
N LEU C 46 4.44 11.88 -12.32
CA LEU C 46 3.86 13.13 -12.73
C LEU C 46 4.20 14.27 -11.76
N HIS C 47 5.09 15.17 -12.17
CA HIS C 47 5.48 16.32 -11.35
C HIS C 47 4.64 17.55 -11.74
N PHE C 48 3.91 18.11 -10.77
CA PHE C 48 3.07 19.27 -10.98
C PHE C 48 3.78 20.54 -10.49
N THR C 49 3.81 21.57 -11.33
CA THR C 49 4.34 22.88 -10.96
C THR C 49 3.24 23.92 -11.14
N ASN C 50 3.02 24.75 -10.11
CA ASN C 50 2.04 25.84 -10.21
C ASN C 50 2.60 27.03 -10.98
N LEU C 51 1.86 27.47 -11.98
CA LEU C 51 2.34 28.54 -12.86
C LEU C 51 1.80 29.92 -12.49
N GLY C 52 1.15 29.99 -11.32
CA GLY C 52 0.55 31.22 -10.85
C GLY C 52 1.55 32.34 -10.62
N THR C 53 2.75 31.99 -10.19
CA THR C 53 3.79 32.99 -9.98
C THR C 53 5.06 32.52 -10.66
N PRO C 54 5.51 33.27 -11.67
CA PRO C 54 6.69 32.83 -12.44
C PRO C 54 8.00 33.08 -11.70
N PRO C 55 9.04 32.33 -12.04
CA PRO C 55 10.42 32.57 -11.59
C PRO C 55 11.01 33.84 -12.19
N LEU C 56 12.05 34.37 -11.55
CA LEU C 56 12.80 35.50 -12.10
C LEU C 56 14.02 34.99 -12.88
N ASP C 57 14.42 35.70 -13.92
CA ASP C 57 15.69 35.41 -14.58
C ASP C 57 16.75 36.33 -13.98
N GLU C 58 17.86 36.50 -14.69
CA GLU C 58 19.00 37.25 -14.14
C GLU C 58 18.84 38.76 -14.10
N ASP C 59 17.90 39.29 -14.88
CA ASP C 59 17.69 40.73 -14.92
C ASP C 59 16.51 41.19 -14.09
N GLY C 60 15.91 40.28 -13.33
CA GLY C 60 14.75 40.62 -12.53
C GLY C 60 13.45 40.56 -13.31
N ARG C 61 13.53 40.04 -14.53
CA ARG C 61 12.35 39.87 -15.36
C ARG C 61 11.72 38.51 -15.10
N TRP C 62 10.39 38.44 -15.19
CA TRP C 62 9.67 37.17 -15.14
C TRP C 62 10.05 36.29 -16.32
N ASP C 63 10.23 34.99 -16.05
CA ASP C 63 10.61 34.03 -17.07
C ASP C 63 9.38 33.19 -17.49
N PRO C 64 9.04 33.22 -18.78
CA PRO C 64 7.85 32.52 -19.28
C PRO C 64 8.06 31.04 -19.58
N ALA C 65 9.29 30.54 -19.51
CA ALA C 65 9.63 29.17 -19.94
C ALA C 65 8.71 28.04 -19.46
N LEU C 66 8.38 28.02 -18.18
CA LEU C 66 7.59 26.92 -17.63
C LEU C 66 6.21 26.78 -18.27
N MET C 67 5.73 27.85 -18.91
CA MET C 67 4.39 27.89 -19.49
C MET C 67 4.35 27.36 -20.92
N TYR C 68 5.51 27.12 -21.54
CA TYR C 68 5.47 26.80 -22.96
C TYR C 68 6.60 25.88 -23.46
N ASN C 69 7.63 25.67 -22.65
CA ASN C 69 8.81 24.91 -23.07
C ASN C 69 8.76 23.43 -22.64
N PRO C 70 8.64 22.49 -23.59
CA PRO C 70 8.50 21.08 -23.18
C PRO C 70 9.80 20.47 -22.67
N CYS C 71 9.71 19.58 -21.69
CA CYS C 71 10.91 18.88 -21.23
C CYS C 71 11.23 17.77 -22.23
N GLY C 72 12.41 17.18 -22.10
CA GLY C 72 12.82 16.13 -23.00
C GLY C 72 14.13 15.53 -22.56
N PRO C 73 14.64 14.56 -23.32
CA PRO C 73 14.01 13.93 -24.49
C PRO C 73 12.77 13.11 -24.13
N GLU C 74 11.84 12.97 -25.08
CA GLU C 74 10.62 12.25 -24.81
C GLU C 74 10.87 10.76 -24.92
N PRO C 75 10.03 9.94 -24.25
CA PRO C 75 10.01 8.50 -24.48
C PRO C 75 9.55 8.22 -25.91
N PRO C 76 9.57 6.95 -26.36
CA PRO C 76 9.13 6.68 -27.73
C PRO C 76 7.68 7.11 -27.99
N ALA C 77 7.40 7.52 -29.23
CA ALA C 77 6.10 8.05 -29.60
C ALA C 77 4.93 7.12 -29.28
N HIS C 78 5.09 5.83 -29.52
CA HIS C 78 4.01 4.90 -29.19
C HIS C 78 3.74 4.84 -27.66
N VAL C 79 4.76 5.13 -26.85
CA VAL C 79 4.60 5.10 -25.39
C VAL C 79 3.91 6.38 -24.89
N VAL C 80 4.33 7.53 -25.39
CA VAL C 80 3.56 8.77 -25.17
C VAL C 80 2.09 8.65 -25.60
N ARG C 81 1.87 8.17 -26.83
CA ARG C 81 0.53 7.95 -27.35
C ARG C 81 -0.26 7.07 -26.39
N ALA C 82 0.25 5.88 -26.09
CA ALA C 82 -0.46 4.97 -25.20
C ALA C 82 -0.77 5.63 -23.85
N TYR C 83 0.18 6.32 -23.24
CA TYR C 83 -0.12 6.95 -21.95
C TYR C 83 -1.21 8.03 -22.04
N ASN C 84 -1.16 8.87 -23.06
CA ASN C 84 -2.09 10.00 -23.18
C ASN C 84 -3.44 9.72 -23.86
N GLN C 85 -3.54 8.59 -24.56
CA GLN C 85 -4.73 8.20 -25.33
C GLN C 85 -6.05 8.49 -24.62
N PRO C 86 -6.91 9.31 -25.21
CA PRO C 86 -8.21 9.49 -24.56
C PRO C 86 -9.04 8.23 -24.53
N ALA C 87 -9.62 7.96 -23.37
CA ALA C 87 -10.51 6.83 -23.17
C ALA C 87 -11.41 7.15 -21.99
N GLY C 88 -12.70 6.88 -22.15
CA GLY C 88 -13.66 7.19 -21.11
C GLY C 88 -13.96 6.03 -20.21
N ASP C 89 -13.71 4.82 -20.70
CA ASP C 89 -14.06 3.60 -19.97
C ASP C 89 -13.08 3.27 -18.85
N VAL C 90 -13.60 2.69 -17.78
CA VAL C 90 -12.77 2.17 -16.70
C VAL C 90 -13.15 0.69 -16.50
N ARG C 91 -12.21 -0.24 -16.64
CA ARG C 91 -12.56 -1.65 -16.44
C ARG C 91 -12.75 -1.99 -14.97
N GLY C 92 -12.10 -1.24 -14.07
CA GLY C 92 -12.41 -1.35 -12.67
C GLY C 92 -11.43 -0.63 -11.77
N VAL C 93 -11.73 -0.60 -10.47
CA VAL C 93 -10.82 0.01 -9.53
C VAL C 93 -10.16 -0.96 -8.53
N TRP C 94 -8.90 -0.68 -8.22
CA TRP C 94 -8.06 -1.45 -7.32
C TRP C 94 -7.90 -0.70 -6.01
N GLY C 95 -7.85 -1.41 -4.90
CA GLY C 95 -7.84 -0.72 -3.63
C GLY C 95 -7.14 -1.36 -2.48
N LYS C 96 -6.40 -0.53 -1.74
CA LYS C 96 -5.80 -0.93 -0.47
C LYS C 96 -5.82 0.23 0.51
N GLY C 97 -6.47 0.03 1.64
CA GLY C 97 -6.70 1.12 2.57
C GLY C 97 -7.42 2.26 1.86
N GLU C 98 -6.94 3.50 2.07
CA GLU C 98 -7.52 4.66 1.42
C GLU C 98 -6.83 4.98 0.09
N ARG C 99 -6.27 3.96 -0.56
CA ARG C 99 -5.54 4.19 -1.78
C ARG C 99 -6.28 3.43 -2.89
N THR C 100 -6.82 4.18 -3.85
CA THR C 100 -7.58 3.62 -4.95
C THR C 100 -6.91 3.97 -6.28
N TYR C 101 -6.92 3.05 -7.23
CA TYR C 101 -6.43 3.34 -8.57
C TYR C 101 -7.44 2.81 -9.57
N ALA C 102 -7.60 3.53 -10.67
CA ALA C 102 -8.49 3.06 -11.72
C ALA C 102 -7.63 2.42 -12.79
N GLU C 103 -8.12 1.33 -13.36
CA GLU C 103 -7.39 0.64 -14.43
C GLU C 103 -8.12 0.80 -15.74
N GLN C 104 -7.45 1.39 -16.71
CA GLN C 104 -8.03 1.46 -18.05
C GLN C 104 -7.30 0.51 -18.98
N ASP C 105 -8.06 -0.11 -19.87
CA ASP C 105 -7.41 -0.95 -20.90
C ASP C 105 -8.00 -0.73 -22.28
N PHE C 106 -7.12 -0.59 -23.26
CA PHE C 106 -7.55 -0.21 -24.61
C PHE C 106 -6.55 -0.65 -25.67
N ARG C 107 -6.93 -0.53 -26.93
CA ARG C 107 -6.01 -0.82 -28.04
C ARG C 107 -5.46 0.45 -28.67
N VAL C 108 -4.18 0.42 -29.00
CA VAL C 108 -3.53 1.47 -29.76
C VAL C 108 -2.59 0.81 -30.75
N GLY C 109 -2.75 1.15 -32.01
CA GLY C 109 -2.18 0.34 -33.07
C GLY C 109 -2.80 -1.03 -32.86
N GLY C 110 -1.95 -2.05 -32.83
CA GLY C 110 -2.43 -3.41 -32.60
C GLY C 110 -2.10 -3.90 -31.22
N THR C 111 -1.70 -2.99 -30.34
CA THR C 111 -1.27 -3.40 -29.01
C THR C 111 -2.31 -3.07 -27.93
N ARG C 112 -2.57 -4.01 -27.03
CA ARG C 112 -3.43 -3.72 -25.88
C ARG C 112 -2.61 -3.15 -24.74
N TRP C 113 -2.97 -1.95 -24.31
CA TRP C 113 -2.31 -1.31 -23.17
C TRP C 113 -3.21 -1.20 -21.95
N HIS C 114 -2.56 -1.13 -20.80
CA HIS C 114 -3.23 -0.89 -19.53
C HIS C 114 -2.55 0.30 -18.89
N ARG C 115 -3.34 1.17 -18.28
CA ARG C 115 -2.75 2.19 -17.41
C ARG C 115 -3.50 2.30 -16.09
N LEU C 116 -2.75 2.59 -15.04
CA LEU C 116 -3.28 2.59 -13.70
C LEU C 116 -3.09 4.00 -13.15
N LEU C 117 -4.22 4.64 -12.83
CA LEU C 117 -4.23 6.06 -12.46
C LEU C 117 -4.77 6.30 -11.05
N ARG C 118 -4.06 7.11 -10.28
CA ARG C 118 -4.40 7.41 -8.89
C ARG C 118 -5.75 8.09 -8.79
N MET C 119 -6.61 7.61 -7.88
CA MET C 119 -7.85 8.32 -7.50
C MET C 119 -7.70 8.90 -6.11
N PRO C 120 -7.42 10.21 -6.02
CA PRO C 120 -7.14 10.88 -4.75
C PRO C 120 -8.36 10.85 -3.86
N VAL C 121 -8.16 11.00 -2.56
CA VAL C 121 -9.23 10.68 -1.64
C VAL C 121 -10.31 11.77 -1.52
N ARG C 122 -9.92 12.97 -1.03
CA ARG C 122 -10.74 14.20 -0.90
C ARG C 122 -10.52 14.86 0.48
N GLY C 123 -10.00 16.09 0.46
CA GLY C 123 -9.83 16.88 1.67
C GLY C 123 -11.17 17.55 1.95
N LEU C 124 -11.21 18.80 2.43
CA LEU C 124 -10.07 19.67 2.76
C LEU C 124 -9.18 19.97 1.55
N THR D 24 14.69 6.28 -19.81
CA THR D 24 15.20 7.28 -18.86
C THR D 24 16.58 7.79 -19.31
N GLU D 25 16.82 9.11 -19.25
CA GLU D 25 15.85 10.10 -18.78
C GLU D 25 14.81 10.45 -19.86
N ALA D 26 13.58 9.97 -19.67
CA ALA D 26 12.52 10.19 -20.65
C ALA D 26 11.39 11.02 -20.05
N CYS D 27 11.00 12.07 -20.78
CA CYS D 27 10.13 13.06 -20.20
C CYS D 27 9.25 13.73 -21.26
N VAL D 28 7.94 13.88 -20.95
CA VAL D 28 7.02 14.68 -21.80
C VAL D 28 6.24 15.67 -20.96
N THR D 29 5.91 16.82 -21.53
CA THR D 29 5.16 17.85 -20.80
C THR D 29 3.69 17.99 -21.22
N SER D 30 2.84 18.25 -20.24
CA SER D 30 1.42 18.54 -20.43
C SER D 30 1.04 19.85 -19.71
N TRP D 31 -0.11 20.43 -20.07
CA TRP D 31 -0.59 21.57 -19.31
C TRP D 31 -2.03 21.38 -18.84
N LEU D 32 -2.39 22.03 -17.75
CA LEU D 32 -3.70 21.83 -17.15
C LEU D 32 -4.22 23.16 -16.62
N TRP D 33 -5.47 23.51 -16.88
CA TRP D 33 -6.00 24.77 -16.35
C TRP D 33 -7.52 24.83 -16.13
N SER D 34 -7.94 25.68 -15.18
CA SER D 34 -9.36 25.86 -14.89
C SER D 34 -9.94 27.12 -15.54
N GLU D 35 -11.26 27.12 -15.67
CA GLU D 35 -12.04 28.29 -16.08
C GLU D 35 -12.72 28.91 -14.86
N GLY D 36 -13.02 30.20 -14.95
CA GLY D 36 -13.81 30.86 -13.92
C GLY D 36 -13.02 31.41 -12.75
N GLU D 37 -13.59 31.25 -11.56
CA GLU D 37 -13.13 31.95 -10.36
C GLU D 37 -12.18 31.11 -9.53
N GLY D 38 -10.99 31.65 -9.29
CA GLY D 38 -9.94 30.92 -8.60
C GLY D 38 -9.33 29.92 -9.55
N ALA D 39 -9.15 30.35 -10.80
CA ALA D 39 -8.66 29.48 -11.86
C ALA D 39 -7.17 29.21 -11.68
N VAL D 40 -6.79 27.94 -11.84
CA VAL D 40 -5.40 27.58 -11.68
C VAL D 40 -4.75 27.20 -13.01
N PHE D 41 -3.43 27.21 -13.03
CA PHE D 41 -2.65 26.91 -14.21
C PHE D 41 -1.42 26.09 -13.82
N TYR D 42 -1.41 24.81 -14.23
CA TYR D 42 -0.36 23.87 -13.88
C TYR D 42 0.43 23.34 -15.10
N ARG D 43 1.75 23.25 -14.93
CA ARG D 43 2.59 22.45 -15.82
C ARG D 43 2.73 21.07 -15.22
N VAL D 44 2.60 20.03 -16.02
CA VAL D 44 2.76 18.70 -15.49
C VAL D 44 3.77 17.93 -16.33
N ASP D 45 4.92 17.63 -15.72
CA ASP D 45 6.00 16.92 -16.37
C ASP D 45 5.89 15.43 -16.07
N LEU D 46 5.89 14.62 -17.12
CA LEU D 46 5.73 13.17 -16.99
C LEU D 46 7.08 12.48 -17.21
N HIS D 47 7.64 11.95 -16.12
CA HIS D 47 8.96 11.31 -16.13
C HIS D 47 8.77 9.80 -16.21
N PHE D 48 9.13 9.23 -17.34
CA PHE D 48 8.93 7.82 -17.60
C PHE D 48 10.16 7.01 -17.18
N THR D 49 9.95 5.96 -16.39
CA THR D 49 11.03 5.04 -16.04
C THR D 49 10.70 3.65 -16.55
N ASN D 50 11.56 3.11 -17.41
CA ASN D 50 11.37 1.74 -17.91
C ASN D 50 11.72 0.73 -16.80
N LEU D 51 10.80 -0.20 -16.54
CA LEU D 51 10.96 -1.09 -15.40
C LEU D 51 11.52 -2.51 -15.73
N GLY D 52 11.87 -2.73 -17.00
CA GLY D 52 12.43 -3.99 -17.45
C GLY D 52 13.74 -4.41 -16.80
N THR D 53 14.57 -3.44 -16.40
CA THR D 53 15.73 -3.76 -15.56
C THR D 53 15.66 -3.04 -14.23
N PRO D 54 15.66 -3.79 -13.12
CA PRO D 54 15.51 -3.13 -11.82
C PRO D 54 16.85 -2.61 -11.32
N PRO D 55 16.80 -1.63 -10.40
CA PRO D 55 18.03 -1.13 -9.76
C PRO D 55 18.50 -2.05 -8.63
N LEU D 56 19.79 -2.01 -8.35
CA LEU D 56 20.36 -2.72 -7.21
C LEU D 56 20.23 -1.90 -5.91
N ASP D 57 20.08 -2.60 -4.77
CA ASP D 57 20.28 -1.97 -3.46
C ASP D 57 21.73 -2.20 -2.99
N GLU D 58 21.95 -2.14 -1.68
CA GLU D 58 23.30 -2.28 -1.15
C GLU D 58 23.81 -3.72 -1.05
N ASP D 59 22.91 -4.69 -1.06
CA ASP D 59 23.31 -6.09 -0.91
C ASP D 59 23.43 -6.84 -2.24
N GLY D 60 23.32 -6.12 -3.35
CA GLY D 60 23.37 -6.72 -4.68
C GLY D 60 22.03 -7.30 -5.04
N ARG D 61 21.03 -6.95 -4.22
CA ARG D 61 19.66 -7.35 -4.46
C ARG D 61 19.00 -6.43 -5.49
N TRP D 62 18.05 -6.97 -6.24
CA TRP D 62 17.21 -6.14 -7.06
C TRP D 62 16.24 -5.41 -6.13
N ASP D 63 16.10 -4.09 -6.31
CA ASP D 63 15.14 -3.31 -5.54
C ASP D 63 13.84 -3.16 -6.34
N PRO D 64 12.72 -3.58 -5.76
CA PRO D 64 11.42 -3.54 -6.44
C PRO D 64 10.61 -2.26 -6.22
N ALA D 65 11.18 -1.26 -5.54
CA ALA D 65 10.43 -0.06 -5.14
C ALA D 65 9.74 0.68 -6.30
N LEU D 66 10.43 0.77 -7.44
CA LEU D 66 9.93 1.51 -8.59
C LEU D 66 8.63 0.92 -9.15
N MET D 67 8.34 -0.32 -8.77
CA MET D 67 7.17 -0.99 -9.33
C MET D 67 5.91 -0.85 -8.48
N TYR D 68 6.00 -0.29 -7.28
CA TYR D 68 4.82 -0.22 -6.42
C TYR D 68 4.78 0.96 -5.46
N ASN D 69 5.94 1.58 -5.25
CA ASN D 69 6.07 2.64 -4.26
C ASN D 69 5.80 4.04 -4.87
N PRO D 70 4.63 4.64 -4.60
CA PRO D 70 4.34 5.94 -5.23
C PRO D 70 5.20 7.10 -4.70
N CYS D 71 5.31 8.19 -5.47
CA CYS D 71 6.12 9.33 -5.03
C CYS D 71 5.28 10.36 -4.23
N GLY D 72 5.94 11.35 -3.65
CA GLY D 72 5.24 12.36 -2.88
C GLY D 72 6.09 13.55 -2.46
N PRO D 73 5.46 14.56 -1.82
CA PRO D 73 4.01 14.55 -1.54
C PRO D 73 3.17 14.84 -2.78
N GLU D 74 1.88 14.53 -2.71
CA GLU D 74 1.00 14.70 -3.85
C GLU D 74 0.50 16.15 -3.97
N PRO D 75 0.14 16.57 -5.18
CA PRO D 75 -0.55 17.85 -5.35
C PRO D 75 -1.98 17.73 -4.80
N PRO D 76 -2.70 18.85 -4.66
CA PRO D 76 -4.09 18.84 -4.17
C PRO D 76 -4.95 17.77 -4.84
N ALA D 77 -5.89 17.20 -4.09
CA ALA D 77 -6.69 16.11 -4.62
C ALA D 77 -7.44 16.53 -5.89
N HIS D 78 -7.93 17.75 -5.94
CA HIS D 78 -8.80 18.16 -7.06
C HIS D 78 -8.02 18.37 -8.37
N VAL D 79 -6.77 18.80 -8.26
CA VAL D 79 -5.87 18.92 -9.40
C VAL D 79 -5.57 17.53 -9.98
N VAL D 80 -5.14 16.60 -9.12
CA VAL D 80 -4.91 15.21 -9.55
C VAL D 80 -6.16 14.55 -10.13
N ARG D 81 -7.30 14.77 -9.48
CA ARG D 81 -8.56 14.29 -10.02
C ARG D 81 -8.76 14.82 -11.43
N ALA D 82 -8.53 16.12 -11.64
CA ALA D 82 -8.72 16.72 -12.96
C ALA D 82 -7.74 16.21 -14.02
N TYR D 83 -6.46 16.17 -13.69
CA TYR D 83 -5.49 15.67 -14.65
C TYR D 83 -5.70 14.21 -15.03
N ASN D 84 -6.15 13.38 -14.09
CA ASN D 84 -6.37 11.95 -14.34
C ASN D 84 -7.73 11.54 -14.88
N GLN D 85 -8.71 12.44 -14.83
CA GLN D 85 -10.08 12.15 -15.24
C GLN D 85 -10.13 11.56 -16.66
N PRO D 86 -10.59 10.31 -16.78
CA PRO D 86 -10.80 9.75 -18.12
C PRO D 86 -11.80 10.61 -18.88
N ALA D 87 -11.58 10.74 -20.17
CA ALA D 87 -12.42 11.57 -21.03
C ALA D 87 -12.09 11.16 -22.45
N GLY D 88 -13.10 10.71 -23.18
CA GLY D 88 -12.88 10.15 -24.50
C GLY D 88 -12.98 11.14 -25.64
N ASP D 89 -13.41 12.35 -25.33
CA ASP D 89 -13.66 13.39 -26.34
C ASP D 89 -12.51 14.38 -26.41
N VAL D 90 -12.16 14.78 -27.63
CA VAL D 90 -11.16 15.82 -27.83
C VAL D 90 -11.80 17.03 -28.52
N ARG D 91 -11.59 18.23 -27.98
CA ARG D 91 -12.19 19.42 -28.59
C ARG D 91 -11.47 19.93 -29.83
N GLY D 92 -10.16 19.72 -29.90
CA GLY D 92 -9.40 20.04 -31.10
C GLY D 92 -7.94 19.63 -31.02
N VAL D 93 -7.24 19.53 -32.16
CA VAL D 93 -5.80 19.29 -32.12
C VAL D 93 -4.99 20.50 -32.60
N TRP D 94 -4.04 20.88 -31.77
CA TRP D 94 -3.11 21.96 -32.06
C TRP D 94 -1.82 21.36 -32.61
N GLY D 95 -1.08 22.13 -33.37
CA GLY D 95 0.16 21.63 -33.91
C GLY D 95 1.10 22.73 -34.31
N LYS D 96 2.36 22.57 -33.96
CA LYS D 96 3.42 23.41 -34.54
C LYS D 96 4.55 22.51 -34.98
N GLY D 97 4.95 22.64 -36.24
CA GLY D 97 5.98 21.80 -36.81
C GLY D 97 5.60 20.34 -36.73
N GLU D 98 6.47 19.53 -36.13
CA GLU D 98 6.22 18.11 -35.96
C GLU D 98 5.73 17.77 -34.54
N ARG D 99 5.18 18.78 -33.86
CA ARG D 99 4.56 18.55 -32.55
C ARG D 99 3.04 18.71 -32.60
N THR D 100 2.31 17.71 -32.11
CA THR D 100 0.85 17.73 -32.09
C THR D 100 0.34 17.59 -30.67
N TYR D 101 -0.54 18.48 -30.26
CA TYR D 101 -1.19 18.36 -28.97
C TYR D 101 -2.72 18.22 -29.11
N ALA D 102 -3.32 17.52 -28.15
CA ALA D 102 -4.77 17.42 -28.05
C ALA D 102 -5.25 18.30 -26.91
N GLU D 103 -6.33 19.02 -27.15
CA GLU D 103 -6.97 19.79 -26.09
C GLU D 103 -8.23 19.07 -25.70
N GLN D 104 -8.35 18.77 -24.41
CA GLN D 104 -9.57 18.19 -23.87
C GLN D 104 -10.16 19.17 -22.90
N ASP D 105 -11.49 19.21 -22.82
CA ASP D 105 -12.14 20.00 -21.78
C ASP D 105 -13.34 19.24 -21.21
N PHE D 106 -13.55 19.37 -19.91
CA PHE D 106 -14.59 18.61 -19.22
C PHE D 106 -14.90 19.22 -17.86
N ARG D 107 -15.96 18.75 -17.22
CA ARG D 107 -16.31 19.24 -15.88
C ARG D 107 -15.96 18.21 -14.80
N VAL D 108 -15.38 18.69 -13.72
CA VAL D 108 -15.17 17.90 -12.51
C VAL D 108 -15.72 18.69 -11.32
N GLY D 109 -16.69 18.11 -10.64
CA GLY D 109 -17.47 18.84 -9.67
C GLY D 109 -18.20 19.93 -10.45
N GLY D 110 -18.02 21.17 -10.01
CA GLY D 110 -18.59 22.29 -10.73
C GLY D 110 -17.54 23.11 -11.45
N THR D 111 -16.37 22.51 -11.71
CA THR D 111 -15.30 23.28 -12.34
C THR D 111 -14.98 22.77 -13.75
N ARG D 112 -14.92 23.68 -14.72
CA ARG D 112 -14.51 23.31 -16.08
C ARG D 112 -12.97 23.32 -16.22
N TRP D 113 -12.42 22.17 -16.55
CA TRP D 113 -10.99 21.99 -16.74
C TRP D 113 -10.63 21.77 -18.22
N HIS D 114 -9.44 22.24 -18.58
CA HIS D 114 -8.84 21.95 -19.87
C HIS D 114 -7.50 21.25 -19.64
N ARG D 115 -7.18 20.27 -20.49
CA ARG D 115 -5.84 19.71 -20.47
C ARG D 115 -5.23 19.54 -21.87
N LEU D 116 -3.93 19.78 -21.94
CA LEU D 116 -3.24 19.82 -23.22
C LEU D 116 -2.15 18.75 -23.18
N LEU D 117 -2.35 17.71 -24.00
CA LEU D 117 -1.52 16.49 -23.98
C LEU D 117 -0.81 16.24 -25.31
N ARG D 118 0.47 15.88 -25.23
CA ARG D 118 1.27 15.60 -26.40
C ARG D 118 0.60 14.36 -27.05
N MET D 119 0.38 14.38 -28.36
CA MET D 119 -0.36 13.27 -29.00
C MET D 119 0.24 12.79 -30.32
N PRO D 120 1.25 11.90 -30.27
CA PRO D 120 1.91 11.44 -31.51
C PRO D 120 1.02 10.50 -32.31
N VAL D 121 1.44 10.19 -33.54
CA VAL D 121 0.63 9.37 -34.44
C VAL D 121 0.22 8.02 -33.81
N ARG D 122 -1.05 7.66 -34.02
CA ARG D 122 -1.65 6.40 -33.57
C ARG D 122 -0.77 5.17 -33.84
N ALA E 26 2.28 -23.38 10.08
CA ALA E 26 3.49 -23.00 9.35
C ALA E 26 3.25 -22.89 7.84
N CYS E 27 3.71 -21.79 7.24
CA CYS E 27 3.36 -21.47 5.87
C CYS E 27 4.35 -20.50 5.21
N VAL E 28 4.75 -20.76 3.96
CA VAL E 28 5.43 -19.72 3.15
C VAL E 28 4.75 -19.51 1.81
N THR E 29 4.94 -18.35 1.18
CA THR E 29 4.35 -18.11 -0.14
C THR E 29 5.39 -18.02 -1.28
N SER E 30 5.02 -18.57 -2.44
CA SER E 30 5.80 -18.45 -3.68
C SER E 30 4.87 -17.88 -4.75
N TRP E 31 5.45 -17.38 -5.84
CA TRP E 31 4.62 -17.03 -6.99
C TRP E 31 5.14 -17.69 -8.25
N LEU E 32 4.26 -17.86 -9.23
CA LEU E 32 4.65 -18.54 -10.47
C LEU E 32 3.97 -17.86 -11.64
N TRP E 33 4.68 -17.61 -12.74
CA TRP E 33 4.00 -17.05 -13.93
C TRP E 33 4.56 -17.49 -15.29
N SER E 34 3.72 -17.35 -16.33
CA SER E 34 4.10 -17.64 -17.72
C SER E 34 4.47 -16.37 -18.47
N GLU E 35 5.29 -16.53 -19.50
CA GLU E 35 5.53 -15.48 -20.48
C GLU E 35 4.75 -15.81 -21.76
N GLY E 36 4.14 -14.79 -22.36
CA GLY E 36 3.62 -14.90 -23.70
C GLY E 36 2.12 -14.97 -23.88
N GLU E 37 1.68 -15.93 -24.69
CA GLU E 37 0.29 -16.03 -25.12
C GLU E 37 -0.50 -16.99 -24.25
N GLY E 38 -1.42 -16.44 -23.46
CA GLY E 38 -2.15 -17.23 -22.49
C GLY E 38 -1.24 -17.42 -21.28
N ALA E 39 -0.57 -16.35 -20.90
CA ALA E 39 0.28 -16.35 -19.72
C ALA E 39 -0.61 -16.52 -18.49
N VAL E 40 -0.19 -17.38 -17.57
CA VAL E 40 -0.94 -17.53 -16.34
C VAL E 40 -0.18 -16.88 -15.17
N PHE E 41 -0.82 -16.76 -14.03
CA PHE E 41 -0.19 -16.18 -12.85
C PHE E 41 -0.80 -16.89 -11.65
N TYR E 42 0.04 -17.57 -10.86
CA TYR E 42 -0.42 -18.31 -9.67
C TYR E 42 0.28 -17.84 -8.38
N ARG E 43 -0.48 -17.78 -7.30
CA ARG E 43 0.09 -17.75 -5.97
C ARG E 43 0.14 -19.19 -5.50
N VAL E 44 1.25 -19.60 -4.91
CA VAL E 44 1.25 -20.92 -4.27
C VAL E 44 1.66 -20.82 -2.80
N ASP E 45 0.72 -21.21 -1.94
CA ASP E 45 0.91 -21.25 -0.49
C ASP E 45 1.40 -22.63 -0.06
N LEU E 46 2.63 -22.69 0.45
CA LEU E 46 3.23 -23.91 0.97
C LEU E 46 2.96 -24.06 2.47
N HIS E 47 2.14 -25.06 2.82
CA HIS E 47 1.80 -25.37 4.20
C HIS E 47 2.63 -26.54 4.75
N PHE E 48 3.48 -26.28 5.75
CA PHE E 48 4.33 -27.33 6.35
C PHE E 48 3.68 -27.98 7.57
N THR E 49 3.70 -29.30 7.62
CA THR E 49 3.23 -30.05 8.78
C THR E 49 4.34 -30.98 9.25
N ASN E 50 4.78 -30.82 10.51
CA ASN E 50 5.78 -31.71 11.08
C ASN E 50 5.23 -33.13 11.36
N LEU E 51 5.89 -34.13 10.79
CA LEU E 51 5.42 -35.50 10.87
C LEU E 51 6.01 -36.32 12.03
N GLY E 52 6.72 -35.63 12.92
CA GLY E 52 7.39 -36.28 14.04
C GLY E 52 6.43 -36.90 15.05
N THR E 53 5.20 -36.39 15.09
CA THR E 53 4.17 -36.96 15.94
C THR E 53 2.86 -37.09 15.17
N PRO E 54 2.39 -38.31 14.97
CA PRO E 54 1.20 -38.55 14.14
C PRO E 54 -0.09 -38.25 14.88
N PRO E 55 -1.14 -37.90 14.13
CA PRO E 55 -2.48 -37.77 14.71
C PRO E 55 -3.10 -39.11 15.10
N LEU E 56 -4.19 -39.05 15.85
CA LEU E 56 -4.90 -40.26 16.28
C LEU E 56 -6.17 -40.55 15.48
N ASP E 57 -6.60 -41.82 15.54
CA ASP E 57 -7.83 -42.29 14.93
C ASP E 57 -8.98 -42.19 15.93
N GLU E 58 -10.03 -42.96 15.66
CA GLU E 58 -11.16 -43.10 16.57
C GLU E 58 -10.94 -44.25 17.52
N ASP E 59 -9.83 -44.97 17.36
CA ASP E 59 -9.52 -46.07 18.26
C ASP E 59 -8.31 -45.79 19.13
N GLY E 60 -7.69 -44.63 18.92
CA GLY E 60 -6.51 -44.26 19.68
C GLY E 60 -5.25 -44.81 19.04
N ARG E 61 -5.37 -45.24 17.79
CA ARG E 61 -4.23 -45.69 17.01
C ARG E 61 -3.64 -44.51 16.27
N TRP E 62 -2.33 -44.54 16.05
CA TRP E 62 -1.70 -43.51 15.25
C TRP E 62 -2.21 -43.56 13.83
N ASP E 63 -2.50 -42.40 13.26
CA ASP E 63 -2.92 -42.32 11.86
C ASP E 63 -1.74 -42.00 10.92
N PRO E 64 -1.40 -42.93 10.03
CA PRO E 64 -0.32 -42.80 9.03
C PRO E 64 -0.61 -41.88 7.84
N ALA E 65 -1.87 -41.47 7.63
CA ALA E 65 -2.27 -40.71 6.43
C ALA E 65 -1.35 -39.57 5.97
N LEU E 66 -0.88 -38.74 6.90
CA LEU E 66 -0.14 -37.53 6.54
C LEU E 66 1.22 -37.83 5.92
N MET E 67 1.63 -39.09 6.02
CA MET E 67 2.96 -39.47 5.55
C MET E 67 2.98 -40.03 4.11
N TYR E 68 1.81 -40.21 3.51
CA TYR E 68 1.79 -40.87 2.20
C TYR E 68 0.60 -40.46 1.35
N ASN E 69 -0.45 -39.99 1.98
CA ASN E 69 -1.68 -39.66 1.26
C ASN E 69 -1.71 -38.23 0.68
N PRO E 70 -1.60 -38.10 -0.65
CA PRO E 70 -1.52 -36.77 -1.27
C PRO E 70 -2.85 -36.03 -1.27
N CYS E 71 -2.80 -34.71 -1.18
CA CYS E 71 -4.02 -33.92 -1.26
C CYS E 71 -4.43 -33.79 -2.72
N GLY E 72 -5.67 -33.36 -2.95
CA GLY E 72 -6.20 -33.19 -4.28
C GLY E 72 -7.38 -32.26 -4.24
N PRO E 73 -7.97 -31.96 -5.41
CA PRO E 73 -7.45 -32.40 -6.71
C PRO E 73 -6.21 -31.59 -7.09
N GLU E 74 -5.38 -32.13 -7.97
CA GLU E 74 -4.16 -31.43 -8.34
C GLU E 74 -4.46 -30.33 -9.36
N PRO E 75 -3.58 -29.31 -9.42
CA PRO E 75 -3.69 -28.34 -10.51
C PRO E 75 -3.27 -29.01 -11.81
N PRO E 76 -3.43 -28.34 -12.95
CA PRO E 76 -3.08 -29.05 -14.19
C PRO E 76 -1.62 -29.51 -14.19
N ALA E 77 -1.32 -30.60 -14.90
CA ALA E 77 0.03 -31.15 -14.95
C ALA E 77 1.11 -30.15 -15.37
N HIS E 78 0.81 -29.30 -16.35
CA HIS E 78 1.85 -28.38 -16.81
C HIS E 78 2.25 -27.37 -15.72
N VAL E 79 1.29 -27.00 -14.87
CA VAL E 79 1.53 -26.04 -13.77
C VAL E 79 2.28 -26.67 -12.57
N VAL E 80 1.97 -27.93 -12.29
CA VAL E 80 2.73 -28.67 -11.28
C VAL E 80 4.17 -28.89 -11.73
N ARG E 81 4.34 -29.31 -12.98
CA ARG E 81 5.68 -29.53 -13.54
C ARG E 81 6.48 -28.24 -13.54
N ALA E 82 5.90 -27.16 -14.05
CA ALA E 82 6.55 -25.87 -13.99
C ALA E 82 6.99 -25.46 -12.57
N TYR E 83 6.08 -25.57 -11.59
CA TYR E 83 6.49 -25.17 -10.24
C TYR E 83 7.54 -26.08 -9.57
N ASN E 84 7.45 -27.38 -9.81
CA ASN E 84 8.39 -28.34 -9.21
C ASN E 84 9.69 -28.57 -9.98
N GLN E 85 9.71 -28.15 -11.25
CA GLN E 85 10.84 -28.38 -12.15
C GLN E 85 12.17 -28.08 -11.51
N PRO E 86 13.04 -29.09 -11.44
CA PRO E 86 14.38 -28.86 -10.91
C PRO E 86 15.20 -27.89 -11.78
N ALA E 87 15.74 -26.86 -11.14
CA ALA E 87 16.60 -25.89 -11.81
C ALA E 87 17.64 -25.35 -10.84
N GLY E 88 18.91 -25.41 -11.23
CA GLY E 88 19.99 -24.95 -10.39
C GLY E 88 20.25 -23.44 -10.47
N ASP E 89 19.97 -22.84 -11.62
CA ASP E 89 20.35 -21.44 -11.88
C ASP E 89 19.37 -20.43 -11.30
N VAL E 90 19.89 -19.35 -10.73
CA VAL E 90 19.06 -18.23 -10.28
C VAL E 90 19.35 -17.00 -11.15
N ARG E 91 18.32 -16.41 -11.78
CA ARG E 91 18.60 -15.23 -12.61
C ARG E 91 18.91 -14.01 -11.75
N GLY E 92 18.36 -13.96 -10.54
CA GLY E 92 18.72 -12.92 -9.59
C GLY E 92 17.90 -12.97 -8.32
N VAL E 93 18.28 -12.17 -7.32
CA VAL E 93 17.47 -12.09 -6.10
C VAL E 93 16.86 -10.69 -5.85
N TRP E 94 15.61 -10.67 -5.41
CA TRP E 94 14.89 -9.46 -5.07
C TRP E 94 14.90 -9.32 -3.56
N GLY E 95 14.85 -8.07 -3.08
CA GLY E 95 14.83 -7.85 -1.66
C GLY E 95 14.14 -6.59 -1.20
N LYS E 96 13.52 -6.67 -0.03
CA LYS E 96 12.95 -5.49 0.61
C LYS E 96 12.90 -5.71 2.12
N GLY E 97 13.50 -4.79 2.86
CA GLY E 97 13.70 -4.97 4.27
C GLY E 97 14.54 -6.21 4.48
N GLU E 98 14.06 -7.11 5.34
CA GLU E 98 14.75 -8.37 5.60
C GLU E 98 14.14 -9.56 4.86
N ARG E 99 13.33 -9.26 3.84
CA ARG E 99 12.79 -10.30 2.97
C ARG E 99 13.58 -10.41 1.66
N THR E 100 13.99 -11.63 1.33
CA THR E 100 14.72 -11.90 0.09
C THR E 100 14.01 -13.00 -0.67
N TYR E 101 13.90 -12.85 -1.98
CA TYR E 101 13.29 -13.86 -2.82
C TYR E 101 14.20 -14.15 -4.01
N ALA E 102 14.37 -15.41 -4.38
CA ALA E 102 15.08 -15.71 -5.63
C ALA E 102 14.09 -15.86 -6.78
N GLU E 103 14.50 -15.41 -7.95
CA GLU E 103 13.69 -15.57 -9.15
C GLU E 103 14.41 -16.54 -10.08
N GLN E 104 13.72 -17.61 -10.46
CA GLN E 104 14.25 -18.52 -11.48
C GLN E 104 13.39 -18.46 -12.73
N ASP E 105 14.00 -18.62 -13.89
CA ASP E 105 13.23 -18.76 -15.13
C ASP E 105 13.81 -19.89 -15.97
N PHE E 106 12.95 -20.57 -16.71
CA PHE E 106 13.39 -21.73 -17.51
C PHE E 106 12.27 -22.08 -18.48
N ARG E 107 12.54 -22.97 -19.43
CA ARG E 107 11.49 -23.42 -20.34
C ARG E 107 11.00 -24.83 -20.01
N VAL E 108 9.69 -25.00 -19.95
CA VAL E 108 9.07 -26.32 -19.92
C VAL E 108 8.10 -26.43 -21.08
N GLY E 109 8.22 -27.51 -21.86
CA GLY E 109 7.57 -27.58 -23.15
C GLY E 109 8.07 -26.40 -23.95
N GLY E 110 7.14 -25.67 -24.56
CA GLY E 110 7.49 -24.46 -25.28
C GLY E 110 7.16 -23.20 -24.50
N THR E 111 6.95 -23.33 -23.19
CA THR E 111 6.60 -22.16 -22.40
C THR E 111 7.73 -21.74 -21.47
N ARG E 112 7.99 -20.45 -21.39
CA ARG E 112 8.97 -19.95 -20.44
C ARG E 112 8.27 -19.55 -19.14
N TRP E 113 8.60 -20.24 -18.06
CA TRP E 113 8.07 -19.93 -16.76
C TRP E 113 9.06 -19.18 -15.89
N HIS E 114 8.51 -18.44 -14.94
CA HIS E 114 9.25 -17.81 -13.85
C HIS E 114 8.69 -18.28 -12.50
N ARG E 115 9.56 -18.52 -11.53
CA ARG E 115 9.09 -18.73 -10.15
C ARG E 115 9.85 -17.87 -9.13
N LEU E 116 9.10 -17.36 -8.16
CA LEU E 116 9.66 -16.51 -7.11
C LEU E 116 9.54 -17.22 -5.78
N LEU E 117 10.69 -17.50 -5.18
CA LEU E 117 10.82 -18.36 -3.99
C LEU E 117 11.46 -17.68 -2.80
N ARG E 118 10.80 -17.74 -1.65
CA ARG E 118 11.36 -17.16 -0.42
C ARG E 118 12.69 -17.86 -0.20
N MET E 119 13.74 -17.08 0.09
CA MET E 119 15.10 -17.61 0.15
C MET E 119 15.83 -17.03 1.35
N PRO E 120 15.54 -17.55 2.56
CA PRO E 120 16.07 -16.88 3.74
C PRO E 120 17.60 -16.78 3.78
N VAL E 121 18.21 -15.60 3.98
CA VAL E 121 17.64 -14.24 3.85
C VAL E 121 18.80 -13.30 4.14
N GLU F 25 -10.65 -25.27 -5.90
CA GLU F 25 -9.38 -25.31 -5.19
C GLU F 25 -8.41 -26.33 -5.81
N ALA F 26 -7.11 -26.05 -5.73
CA ALA F 26 -6.11 -26.89 -6.39
C ALA F 26 -4.86 -27.15 -5.54
N CYS F 27 -4.42 -28.41 -5.48
CA CYS F 27 -3.43 -28.79 -4.48
C CYS F 27 -2.49 -29.97 -4.88
N VAL F 28 -1.18 -29.84 -4.61
CA VAL F 28 -0.28 -31.03 -4.68
C VAL F 28 0.50 -31.21 -3.40
N THR F 29 0.96 -32.44 -3.13
CA THR F 29 1.73 -32.70 -1.92
C THR F 29 3.19 -33.08 -2.21
N SER F 30 4.11 -32.56 -1.38
CA SER F 30 5.52 -32.92 -1.37
C SER F 30 5.97 -33.46 -0.01
N TRP F 31 7.15 -34.06 0.05
CA TRP F 31 7.68 -34.49 1.34
C TRP F 31 9.15 -34.11 1.45
N LEU F 32 9.59 -33.79 2.67
CA LEU F 32 10.94 -33.28 2.91
C LEU F 32 11.57 -33.94 4.12
N TRP F 33 12.86 -34.28 4.07
CA TRP F 33 13.49 -34.92 5.23
C TRP F 33 15.02 -34.78 5.38
N SER F 34 15.49 -34.69 6.63
CA SER F 34 16.92 -34.62 6.95
C SER F 34 17.47 -35.99 7.23
N GLU F 35 18.70 -36.22 6.81
CA GLU F 35 19.51 -37.33 7.30
C GLU F 35 20.23 -36.92 8.60
N GLY F 36 20.65 -37.90 9.37
CA GLY F 36 21.51 -37.64 10.51
C GLY F 36 20.81 -37.37 11.83
N GLU F 37 21.50 -36.61 12.67
CA GLU F 37 21.08 -36.39 14.06
C GLU F 37 20.17 -35.19 14.14
N GLY F 38 19.07 -35.34 14.86
CA GLY F 38 18.04 -34.30 14.91
C GLY F 38 17.35 -34.20 13.55
N ALA F 39 17.20 -35.35 12.89
CA ALA F 39 16.63 -35.40 11.56
C ALA F 39 15.13 -35.12 11.61
N VAL F 40 14.64 -34.34 10.66
CA VAL F 40 13.22 -34.00 10.64
C VAL F 40 12.48 -34.52 9.41
N PHE F 41 11.15 -34.58 9.52
CA PHE F 41 10.30 -35.09 8.45
C PHE F 41 9.06 -34.21 8.28
N TYR F 42 8.96 -33.54 7.14
CA TYR F 42 7.84 -32.62 6.84
C TYR F 42 6.99 -33.04 5.64
N ARG F 43 5.67 -33.00 5.81
CA ARG F 43 4.73 -32.99 4.70
C ARG F 43 4.54 -31.54 4.28
N VAL F 44 4.69 -31.26 2.99
CA VAL F 44 4.43 -29.90 2.54
C VAL F 44 3.33 -29.86 1.48
N ASP F 45 2.21 -29.26 1.84
CA ASP F 45 1.05 -29.12 0.96
C ASP F 45 1.07 -27.79 0.19
N LEU F 46 1.13 -27.92 -1.12
CA LEU F 46 1.18 -26.79 -2.02
C LEU F 46 -0.23 -26.42 -2.53
N HIS F 47 -0.72 -25.27 -2.07
CA HIS F 47 -2.04 -24.75 -2.47
C HIS F 47 -1.92 -23.67 -3.52
N PHE F 48 -2.44 -23.98 -4.70
CA PHE F 48 -2.35 -23.12 -5.87
C PHE F 48 -3.61 -22.27 -6.00
N THR F 49 -3.44 -20.95 -6.13
CA THR F 49 -4.56 -20.06 -6.42
C THR F 49 -4.31 -19.34 -7.74
N ASN F 50 -5.30 -19.35 -8.62
CA ASN F 50 -5.20 -18.63 -9.89
C ASN F 50 -5.49 -17.14 -9.70
N LEU F 51 -4.53 -16.31 -10.10
CA LEU F 51 -4.62 -14.89 -9.84
C LEU F 51 -5.21 -14.05 -11.00
N GLY F 52 -5.78 -14.73 -12.00
CA GLY F 52 -6.36 -14.07 -13.17
C GLY F 52 -7.51 -13.12 -12.84
N THR F 53 -8.37 -13.53 -11.92
CA THR F 53 -9.50 -12.72 -11.45
C THR F 53 -9.38 -12.38 -9.96
N PRO F 54 -9.08 -11.12 -9.64
CA PRO F 54 -8.91 -10.75 -8.23
C PRO F 54 -10.24 -10.79 -7.51
N PRO F 55 -10.19 -10.91 -6.18
CA PRO F 55 -11.38 -10.87 -5.34
C PRO F 55 -11.78 -9.42 -5.03
N LEU F 56 -13.05 -9.22 -4.75
CA LEU F 56 -13.55 -7.90 -4.38
C LEU F 56 -13.38 -7.69 -2.86
N ASP F 57 -13.10 -6.47 -2.43
CA ASP F 57 -13.16 -6.12 -1.01
C ASP F 57 -14.58 -5.65 -0.62
N GLU F 58 -14.74 -5.16 0.60
CA GLU F 58 -16.07 -4.74 1.08
C GLU F 58 -16.64 -3.48 0.43
N ASP F 59 -15.87 -2.87 -0.46
CA ASP F 59 -16.31 -1.63 -1.10
C ASP F 59 -16.53 -1.77 -2.60
N GLY F 60 -16.30 -2.97 -3.15
CA GLY F 60 -16.50 -3.19 -4.57
C GLY F 60 -15.22 -3.09 -5.39
N ARG F 61 -14.13 -2.64 -4.77
CA ARG F 61 -12.87 -2.55 -5.48
C ARG F 61 -12.19 -3.91 -5.51
N TRP F 62 -11.34 -4.10 -6.50
CA TRP F 62 -10.48 -5.26 -6.56
C TRP F 62 -9.42 -5.17 -5.47
N ASP F 63 -9.17 -6.29 -4.79
CA ASP F 63 -8.14 -6.40 -3.76
C ASP F 63 -6.91 -7.11 -4.37
N PRO F 64 -5.74 -6.46 -4.29
CA PRO F 64 -4.48 -6.97 -4.82
C PRO F 64 -3.68 -7.87 -3.85
N ALA F 65 -4.25 -8.23 -2.70
CA ALA F 65 -3.48 -8.90 -1.64
C ALA F 65 -2.85 -10.26 -2.02
N LEU F 66 -3.55 -11.08 -2.79
CA LEU F 66 -3.00 -12.39 -3.13
C LEU F 66 -1.76 -12.30 -4.04
N MET F 67 -1.47 -11.10 -4.53
CA MET F 67 -0.37 -10.93 -5.48
C MET F 67 0.94 -10.49 -4.83
N TYR F 68 0.93 -10.19 -3.54
CA TYR F 68 2.12 -9.63 -2.89
C TYR F 68 2.22 -9.95 -1.38
N ASN F 69 1.08 -10.07 -0.71
CA ASN F 69 1.05 -10.33 0.74
C ASN F 69 1.35 -11.81 1.13
N PRO F 70 2.52 -12.08 1.74
CA PRO F 70 2.86 -13.48 2.08
C PRO F 70 2.14 -13.98 3.33
N CYS F 71 1.97 -15.30 3.42
CA CYS F 71 1.13 -15.88 4.46
C CYS F 71 1.80 -16.12 5.83
N GLY F 72 0.95 -16.27 6.85
CA GLY F 72 1.31 -16.29 8.27
C GLY F 72 2.24 -17.39 8.71
N PRO F 73 2.71 -17.31 9.98
CA PRO F 73 4.06 -17.64 10.48
C PRO F 73 4.78 -18.65 9.61
N GLU F 74 6.00 -18.31 9.20
CA GLU F 74 6.80 -19.25 8.42
C GLU F 74 7.37 -20.38 9.27
N PRO F 75 7.53 -21.56 8.67
CA PRO F 75 8.28 -22.65 9.31
C PRO F 75 9.74 -22.21 9.49
N PRO F 76 10.53 -22.95 10.29
CA PRO F 76 11.94 -22.57 10.55
C PRO F 76 12.72 -22.24 9.29
N ALA F 77 13.53 -21.20 9.36
CA ALA F 77 14.34 -20.75 8.22
C ALA F 77 15.13 -21.86 7.51
N HIS F 78 15.69 -22.82 8.24
CA HIS F 78 16.51 -23.84 7.59
C HIS F 78 15.66 -24.85 6.81
N VAL F 79 14.46 -25.11 7.32
CA VAL F 79 13.47 -25.93 6.64
C VAL F 79 13.02 -25.25 5.33
N VAL F 80 12.73 -23.96 5.42
CA VAL F 80 12.32 -23.19 4.24
C VAL F 80 13.43 -23.17 3.20
N ARG F 81 14.65 -22.95 3.68
CA ARG F 81 15.82 -22.91 2.81
C ARG F 81 15.96 -24.25 2.12
N ALA F 82 15.77 -25.34 2.86
CA ALA F 82 15.95 -26.68 2.30
C ALA F 82 14.87 -27.03 1.29
N TYR F 83 13.61 -26.74 1.62
CA TYR F 83 12.55 -27.01 0.66
C TYR F 83 12.70 -26.18 -0.61
N ASN F 84 13.08 -24.91 -0.47
CA ASN F 84 13.18 -24.01 -1.62
C ASN F 84 14.47 -24.10 -2.44
N GLN F 85 15.52 -24.70 -1.87
CA GLN F 85 16.83 -24.78 -2.51
C GLN F 85 16.77 -25.21 -3.99
N PRO F 86 17.20 -24.33 -4.90
CA PRO F 86 17.35 -24.73 -6.30
C PRO F 86 18.37 -25.84 -6.44
N ALA F 87 17.99 -26.88 -7.16
CA ALA F 87 18.89 -28.00 -7.41
C ALA F 87 18.49 -28.56 -8.75
N GLY F 88 19.46 -28.82 -9.60
CA GLY F 88 19.18 -29.28 -10.95
C GLY F 88 19.20 -30.78 -11.07
N ASP F 89 19.81 -31.44 -10.10
CA ASP F 89 20.01 -32.88 -10.16
C ASP F 89 18.88 -33.68 -9.52
N VAL F 90 18.50 -34.78 -10.17
CA VAL F 90 17.53 -35.71 -9.63
C VAL F 90 18.18 -37.10 -9.50
N ARG F 91 18.18 -37.68 -8.30
CA ARG F 91 18.80 -39.00 -8.13
C ARG F 91 17.96 -40.14 -8.69
N GLY F 92 16.67 -39.90 -8.86
CA GLY F 92 15.79 -40.87 -9.51
C GLY F 92 14.30 -40.59 -9.37
N VAL F 93 13.49 -41.33 -10.14
CA VAL F 93 12.05 -41.22 -9.96
C VAL F 93 11.34 -42.48 -9.52
N TRP F 94 10.36 -42.27 -8.66
CA TRP F 94 9.49 -43.30 -8.14
C TRP F 94 8.15 -43.20 -8.85
N GLY F 95 7.44 -44.31 -8.94
CA GLY F 95 6.12 -44.23 -9.51
C GLY F 95 5.20 -45.33 -9.05
N LYS F 96 3.92 -44.99 -8.90
CA LYS F 96 2.94 -46.03 -8.70
C LYS F 96 1.75 -45.67 -9.54
N GLY F 97 1.34 -46.61 -10.38
CA GLY F 97 0.29 -46.32 -11.34
C GLY F 97 0.76 -45.19 -12.24
N GLU F 98 -0.04 -44.13 -12.31
CA GLU F 98 0.32 -42.97 -13.11
C GLU F 98 0.63 -41.76 -12.24
N ARG F 99 1.09 -41.99 -11.03
CA ARG F 99 1.68 -40.93 -10.27
C ARG F 99 3.19 -41.11 -10.31
N THR F 100 3.90 -40.07 -10.74
CA THR F 100 5.35 -40.09 -10.79
C THR F 100 5.92 -39.03 -9.83
N TYR F 101 6.88 -39.42 -9.02
CA TYR F 101 7.58 -38.47 -8.14
C TYR F 101 9.09 -38.48 -8.38
N ALA F 102 9.71 -37.30 -8.43
CA ALA F 102 11.16 -37.23 -8.46
C ALA F 102 11.71 -37.05 -7.04
N GLU F 103 12.82 -37.73 -6.74
CA GLU F 103 13.52 -37.55 -5.47
C GLU F 103 14.85 -36.86 -5.69
N GLN F 104 15.08 -35.76 -4.98
CA GLN F 104 16.36 -35.05 -5.02
C GLN F 104 17.04 -35.13 -3.66
N ASP F 105 18.36 -35.07 -3.64
CA ASP F 105 19.10 -35.03 -2.38
C ASP F 105 20.32 -34.11 -2.50
N PHE F 106 20.54 -33.29 -1.49
CA PHE F 106 21.56 -32.26 -1.59
C PHE F 106 22.01 -31.80 -0.20
N ARG F 107 23.04 -30.95 -0.14
CA ARG F 107 23.51 -30.46 1.16
C ARG F 107 23.23 -28.98 1.35
N VAL F 108 22.74 -28.63 2.53
CA VAL F 108 22.52 -27.24 2.87
C VAL F 108 23.05 -27.04 4.28
N GLY F 109 23.95 -26.07 4.42
CA GLY F 109 24.76 -26.00 5.61
C GLY F 109 25.51 -27.32 5.67
N GLY F 110 25.48 -27.96 6.84
CA GLY F 110 26.13 -29.23 6.98
C GLY F 110 25.15 -30.39 6.94
N THR F 111 23.93 -30.11 6.49
CA THR F 111 22.89 -31.13 6.55
C THR F 111 22.54 -31.71 5.18
N ARG F 112 22.47 -33.05 5.11
CA ARG F 112 21.95 -33.71 3.93
C ARG F 112 20.41 -33.74 3.95
N TRP F 113 19.80 -33.23 2.90
CA TRP F 113 18.36 -33.16 2.79
C TRP F 113 17.89 -33.95 1.58
N HIS F 114 16.66 -34.44 1.68
CA HIS F 114 16.02 -35.14 0.59
C HIS F 114 14.66 -34.51 0.40
N ARG F 115 14.25 -34.34 -0.84
CA ARG F 115 12.86 -33.96 -1.06
C ARG F 115 12.19 -34.74 -2.20
N LEU F 116 10.88 -34.91 -2.07
CA LEU F 116 10.10 -35.73 -2.97
C LEU F 116 9.01 -34.88 -3.55
N LEU F 117 9.09 -34.68 -4.88
CA LEU F 117 8.27 -33.74 -5.62
C LEU F 117 7.43 -34.42 -6.67
N ARG F 118 6.13 -34.14 -6.67
CA ARG F 118 5.25 -34.61 -7.75
C ARG F 118 5.84 -34.12 -9.09
N MET F 119 5.98 -35.01 -10.05
CA MET F 119 6.70 -34.67 -11.27
C MET F 119 6.00 -35.20 -12.52
N PRO F 120 4.98 -34.47 -13.00
CA PRO F 120 4.30 -34.85 -14.23
C PRO F 120 5.22 -34.66 -15.41
N VAL F 121 4.87 -35.25 -16.53
CA VAL F 121 5.78 -35.41 -17.65
C VAL F 121 5.79 -34.10 -18.49
N ARG F 122 6.78 -33.88 -19.36
CA ARG F 122 8.03 -34.65 -19.51
C ARG F 122 9.12 -33.62 -19.83
N GLY F 123 10.35 -33.90 -19.39
CA GLY F 123 11.49 -33.09 -19.76
C GLY F 123 12.76 -33.48 -19.04
N1 LDA G . -22.16 28.51 19.24
O1 LDA G . -22.46 29.63 18.76
CM1 LDA G . -22.10 28.61 20.71
CM2 LDA G . -20.85 28.11 18.70
C1 LDA G . -23.20 27.57 18.88
C2 LDA G . -22.66 26.16 19.12
C3 LDA G . -23.79 25.17 19.34
C4 LDA G . -23.80 24.12 18.24
C5 LDA G . -24.74 22.97 18.57
C6 LDA G . -24.73 21.92 17.47
C7 LDA G . -25.59 20.71 17.81
C8 LDA G . -25.42 19.64 16.72
C9 LDA G . -26.10 18.34 17.15
C10 LDA G . -26.62 17.59 15.94
C11 LDA G . -27.27 16.28 16.38
C12 LDA G . -27.04 15.20 15.33
N1 LDA H . -26.32 13.33 9.50
O1 LDA H . -25.76 12.35 8.94
CM1 LDA H . -27.58 12.90 10.13
CM2 LDA H . -26.58 14.33 8.45
C1 LDA H . -25.45 13.93 10.50
C2 LDA H . -25.36 13.03 11.73
C3 LDA H . -24.59 13.67 12.88
C4 LDA H . -23.68 14.82 12.46
C5 LDA H . -23.55 15.86 13.58
C6 LDA H . -22.39 16.84 13.32
C7 LDA H . -22.77 18.29 13.56
C8 LDA H . -21.60 19.08 14.10
C9 LDA H . -21.69 20.57 13.77
C10 LDA H . -20.72 21.35 14.65
C11 LDA H . -20.35 22.68 14.00
C12 LDA H . -19.90 23.72 15.01
N1 LDA I . 16.38 14.31 18.16
O1 LDA I . 16.30 13.08 17.97
CM1 LDA I . 15.38 14.96 17.30
CM2 LDA I . 17.70 14.79 17.74
C1 LDA I . 16.15 14.64 19.57
C2 LDA I . 17.09 13.82 20.44
C3 LDA I . 16.47 13.44 21.78
C4 LDA I . 17.46 12.64 22.63
C5 LDA I . 16.80 11.62 23.55
C6 LDA I . 17.85 10.68 24.18
C7 LDA I . 17.71 10.62 25.70
C8 LDA I . 17.83 9.20 26.27
C9 LDA I . 17.95 9.25 27.79
C10 LDA I . 17.41 8.02 28.53
C11 LDA I . 18.31 7.70 29.72
C12 LDA I . 17.85 6.49 30.55
N1 LDA J . 13.82 4.01 33.26
O1 LDA J . 13.03 3.48 34.08
CM1 LDA J . 14.63 2.96 32.61
CM2 LDA J . 14.72 4.92 34.01
C1 LDA J . 13.04 4.71 32.27
C2 LDA J . 13.92 5.76 31.61
C3 LDA J . 13.30 6.27 30.31
C4 LDA J . 13.77 7.67 29.97
C5 LDA J . 13.17 8.08 28.64
C6 LDA J . 13.47 9.53 28.26
C7 LDA J . 12.97 9.75 26.85
C8 LDA J . 13.49 11.07 26.29
C9 LDA J . 12.82 11.37 24.95
C10 LDA J . 12.64 12.88 24.84
C11 LDA J . 12.28 13.30 23.43
C12 LDA J . 13.11 14.48 22.98
N1 LDA K . 13.46 20.15 24.68
O1 LDA K . 14.39 20.76 24.11
CM1 LDA K . 12.18 20.70 24.23
CM2 LDA K . 13.59 20.35 26.14
C1 LDA K . 13.52 18.74 24.33
C2 LDA K . 15.00 18.35 24.39
C3 LDA K . 15.20 16.84 24.49
C4 LDA K . 16.23 16.52 25.59
C5 LDA K . 16.29 15.04 25.92
C6 LDA K . 16.91 14.81 27.30
C7 LDA K . 16.44 13.48 27.85
C8 LDA K . 16.53 13.45 29.37
C9 LDA K . 17.28 12.22 29.88
C10 LDA K . 16.75 11.85 31.25
C11 LDA K . 17.19 10.44 31.63
C12 LDA K . 17.04 10.22 33.12
N1 LDA L . 12.15 15.87 19.03
O1 LDA L . 13.27 15.58 19.48
CM1 LDA L . 12.29 16.76 17.87
CM2 LDA L . 11.44 16.62 20.08
C1 LDA L . 11.48 14.64 18.62
C2 LDA L . 10.82 13.98 19.83
C3 LDA L . 10.80 12.47 19.68
C4 LDA L . 9.47 11.84 20.10
C5 LDA L . 9.55 11.32 21.52
C6 LDA L . 8.25 10.62 21.93
C7 LDA L . 8.54 9.42 22.83
C8 LDA L . 7.27 8.65 23.13
C9 LDA L . 7.50 7.59 24.19
C10 LDA L . 6.83 6.28 23.83
C11 LDA L . 6.00 5.75 24.99
C12 LDA L . 6.04 4.23 25.05
N1 LDA M . 9.96 1.43 29.98
O1 LDA M . 8.72 1.26 30.06
CM1 LDA M . 10.64 0.19 30.39
CM2 LDA M . 10.40 2.54 30.84
C1 LDA M . 10.29 1.69 28.59
C2 LDA M . 9.60 2.99 28.25
C3 LDA M . 9.67 3.24 26.76
C4 LDA M . 10.17 4.65 26.50
C5 LDA M . 10.64 4.78 25.06
C6 LDA M . 11.31 6.13 24.91
C7 LDA M . 11.52 6.49 23.44
C8 LDA M . 12.40 7.73 23.37
C9 LDA M . 12.88 7.99 21.95
C10 LDA M . 13.22 9.47 21.85
C11 LDA M . 14.32 9.67 20.82
C12 LDA M . 13.76 10.23 19.52
N1 LDA N . -25.25 9.81 16.97
O1 LDA N . -26.37 10.31 17.14
CM1 LDA N . -25.37 8.67 16.05
CM2 LDA N . -24.74 9.31 18.26
C1 LDA N . -24.37 10.82 16.41
C2 LDA N . -24.28 11.97 17.41
C3 LDA N . -23.11 12.89 17.09
C4 LDA N . -23.43 14.37 17.31
C5 LDA N . -22.14 15.16 17.48
C6 LDA N . -22.41 16.52 18.13
C7 LDA N . -21.29 17.53 17.88
C8 LDA N . -21.54 18.84 18.62
C9 LDA N . -20.35 19.80 18.53
C10 LDA N . -20.76 21.27 18.52
C11 LDA N . -19.54 22.18 18.50
C12 LDA N . -19.84 23.51 19.17
CL CL O . -5.93 12.19 14.45
N1 LDA P . -28.25 9.06 23.61
O1 LDA P . -27.27 9.56 24.20
CM1 LDA P . -28.69 7.88 24.39
CM2 LDA P . -27.83 8.64 22.26
C1 LDA P . -29.35 10.02 23.57
C2 LDA P . -29.29 10.96 22.34
C3 LDA P . -30.56 11.82 22.26
C4 LDA P . -30.26 13.31 22.41
C5 LDA P . -31.30 14.10 23.22
C6 LDA P . -30.82 15.54 23.27
C7 LDA P . -31.49 16.38 24.33
C8 LDA P . -31.14 17.85 24.15
C9 LDA P . -32.33 18.67 24.61
C10 LDA P . -31.97 20.14 24.84
C11 LDA P . -32.12 20.52 26.29
C12 LDA P . -31.81 19.26 27.06
N1 LDA Q . -29.31 10.70 15.71
O1 LDA Q . -28.28 11.30 15.32
CM1 LDA Q . -29.02 9.26 15.69
CM2 LDA Q . -30.39 10.93 14.75
C1 LDA Q . -29.67 11.13 17.05
C2 LDA Q . -30.17 12.58 16.99
C3 LDA Q . -30.00 13.31 18.32
C4 LDA Q . -31.16 14.24 18.66
C5 LDA Q . -30.80 15.72 18.53
C6 LDA Q . -31.95 16.60 19.04
C7 LDA Q . -31.43 17.98 19.46
C8 LDA Q . -32.35 18.72 20.41
C9 LDA Q . -31.69 20.02 20.84
C10 LDA Q . -32.64 21.04 21.49
C11 LDA Q . -31.82 22.22 22.02
C12 LDA Q . -32.61 23.18 22.90
N1 LDA R . -27.92 28.47 24.88
O1 LDA R . -29.11 28.83 24.77
CM1 LDA R . -27.43 28.86 26.21
CM2 LDA R . -27.10 29.13 23.85
C1 LDA R . -27.86 27.01 24.76
C2 LDA R . -27.96 26.63 23.29
C3 LDA R . -28.63 25.28 23.14
C4 LDA R . -27.79 24.27 22.35
C5 LDA R . -28.32 22.86 22.61
C6 LDA R . -27.61 21.80 21.78
C7 LDA R . -27.97 20.40 22.28
C8 LDA R . -27.26 19.34 21.44
C9 LDA R . -27.63 17.94 21.90
C10 LDA R . -27.61 16.99 20.71
C11 LDA R . -26.38 16.08 20.74
C12 LDA R . -26.66 14.71 20.15
N1 LDA S . 14.17 9.11 13.69
O1 LDA S . 14.58 7.93 13.89
CM1 LDA S . 13.99 9.30 12.24
CM2 LDA S . 15.19 10.07 14.19
C1 LDA S . 12.88 9.29 14.33
C2 LDA S . 13.04 9.87 15.75
C3 LDA S . 11.69 9.96 16.45
C4 LDA S . 11.23 8.56 16.80
C5 LDA S . 10.14 8.48 17.85
C6 LDA S . 9.93 7.01 18.17
C7 LDA S . 9.17 6.74 19.46
C8 LDA S . 8.98 5.24 19.59
C9 LDA S . 7.87 4.91 20.57
C10 LDA S . 8.03 3.46 20.99
C11 LDA S . 6.78 3.01 21.70
C12 LDA S . 7.03 1.72 22.48
N1 LDA T . 2.97 -6.59 -15.97
O1 LDA T . 3.63 -7.43 -15.31
CM1 LDA T . 2.45 -7.26 -17.18
CM2 LDA T . 3.86 -5.50 -16.40
C1 LDA T . 1.87 -6.11 -15.16
C2 LDA T . 2.46 -5.10 -14.17
C3 LDA T . 1.51 -4.80 -13.02
C4 LDA T . 1.74 -3.40 -12.47
C5 LDA T . 1.27 -3.29 -11.03
C6 LDA T . 1.92 -2.13 -10.28
C7 LDA T . 0.92 -1.48 -9.33
C8 LDA T . 1.57 -1.07 -8.03
C9 LDA T . 0.74 0.03 -7.36
C10 LDA T . 0.55 -0.26 -5.88
C11 LDA T . 0.23 1.03 -5.12
C12 LDA T . 0.81 1.05 -3.71
CL CL U . -4.70 11.53 -18.40
N1 LDA V . 5.27 -4.06 3.17
O1 LDA V . 5.32 -5.21 3.66
CM1 LDA V . 5.80 -3.10 4.15
CM2 LDA V . 3.87 -3.72 2.85
C1 LDA V . 6.10 -4.02 1.99
C2 LDA V . 5.51 -5.05 1.03
C3 LDA V . 6.38 -5.18 -0.23
C4 LDA V . 5.52 -5.22 -1.49
C5 LDA V . 6.39 -5.28 -2.75
C6 LDA V . 5.50 -5.38 -3.98
C7 LDA V . 6.15 -6.04 -5.18
C8 LDA V . 5.20 -5.96 -6.37
C9 LDA V . 5.90 -5.72 -7.71
C10 LDA V . 5.01 -6.22 -8.84
C11 LDA V . 5.44 -5.69 -10.20
C12 LDA V . 5.42 -6.81 -11.25
CL CL W . 11.03 -26.03 -6.42
N1 LDA X . 10.39 -7.61 -14.88
O1 LDA X . 10.81 -6.71 -14.12
CM1 LDA X . 11.49 -8.04 -15.77
CM2 LDA X . 9.26 -7.07 -15.66
C1 LDA X . 10.01 -8.78 -14.12
C2 LDA X . 8.82 -8.36 -13.25
C3 LDA X . 8.62 -9.39 -12.14
C4 LDA X . 9.31 -8.94 -10.87
C5 LDA X . 8.95 -9.82 -9.68
C6 LDA X . 8.79 -8.99 -8.41
C7 LDA X . 9.68 -9.47 -7.27
C8 LDA X . 9.38 -8.64 -6.02
C9 LDA X . 9.97 -9.28 -4.77
C10 LDA X . 10.38 -8.21 -3.77
C11 LDA X . 10.03 -8.62 -2.36
C12 LDA X . 11.26 -8.51 -1.49
N1 LDA Y . 1.44 -0.24 1.65
O1 LDA Y . 1.73 -0.57 2.82
CM1 LDA Y . 2.11 1.01 1.29
CM2 LDA Y . -0.02 -0.05 1.58
C1 LDA Y . 1.91 -1.30 0.77
C2 LDA Y . 1.01 -1.38 -0.46
C3 LDA Y . 1.50 -2.46 -1.41
C4 LDA Y . 0.60 -2.63 -2.63
C5 LDA Y . 1.41 -3.32 -3.72
C6 LDA Y . 0.54 -4.13 -4.66
C7 LDA Y . 1.42 -4.79 -5.71
C8 LDA Y . 0.53 -5.46 -6.74
C9 LDA Y . 1.29 -6.57 -7.43
C10 LDA Y . 1.22 -6.44 -8.95
C11 LDA Y . 0.91 -7.79 -9.58
C12 LDA Y . 2.01 -8.19 -10.57
N1 LDA Z . -4.06 -9.53 -13.81
O1 LDA Z . -3.44 -9.53 -14.91
CM1 LDA Z . -4.12 -10.90 -13.32
CM2 LDA Z . -5.44 -9.02 -14.00
C1 LDA Z . -3.28 -8.75 -12.85
C2 LDA Z . -3.08 -7.38 -13.46
C3 LDA Z . -2.15 -6.54 -12.60
C4 LDA Z . -2.75 -5.19 -12.19
C5 LDA Z . -2.14 -4.73 -10.87
C6 LDA Z . -2.93 -3.59 -10.23
C7 LDA Z . -2.70 -3.52 -8.73
C8 LDA Z . -3.21 -2.18 -8.21
C9 LDA Z . -2.64 -1.79 -6.85
C10 LDA Z . -3.74 -1.16 -6.01
C11 LDA Z . -3.36 -1.08 -4.54
C12 LDA Z . -3.44 0.34 -4.02
N1 LDA AA . 3.03 -10.90 -14.38
O1 LDA AA . 2.60 -9.72 -14.42
CM1 LDA AA . 3.30 -11.37 -15.76
CM2 LDA AA . 1.96 -11.75 -13.84
C1 LDA AA . 4.25 -10.95 -13.59
C2 LDA AA . 3.86 -11.06 -12.13
C3 LDA AA . 4.93 -10.48 -11.21
C4 LDA AA . 5.04 -11.28 -9.91
C5 LDA AA . 4.72 -10.43 -8.69
C6 LDA AA . 5.08 -11.13 -7.38
C7 LDA AA . 5.17 -10.14 -6.23
C8 LDA AA . 5.77 -10.77 -4.96
C9 LDA AA . 5.81 -9.77 -3.81
C10 LDA AA . 6.36 -10.37 -2.53
C11 LDA AA . 6.11 -9.41 -1.37
C12 LDA AA . 7.19 -9.44 -0.30
#